data_4DTE
#
_entry.id   4DTE
#
_cell.length_a   65.160
_cell.length_b   73.770
_cell.length_c   91.750
_cell.angle_alpha   90.00
_cell.angle_beta   102.73
_cell.angle_gamma   90.00
#
_symmetry.space_group_name_H-M   'P 1 21 1'
#
loop_
_entity.id
_entity.type
_entity.pdbx_description
1 polymer 'Serpin peptidase inhibitor, clade E (nexin, plasminogen activator inhibitor type 1), member 1'
2 non-polymer 2-acetamido-2-deoxy-beta-D-glucopyranose
3 water water
#
_entity_poly.entity_id   1
_entity_poly.type   'polypeptide(L)'
_entity_poly.pdbx_seq_one_letter_code
;NLIQDKQTDFGLQVFAEAVQSAPDRNLALSPYGIASVLGMAQMGAYGATLKLLASKMGYSLQERGMPKLQRLLQRDLASE
DGVEVASGVMVDRKIILEKVFRRSLSKAFQSVPHQIDFSQPEMARQVINSWTSDHTDGMISEFLPSGVLSELTRLVFLNA
LHFHGVWKTPFDPRNTREQLFHTVNGSAVSVPMMTTTQKFNYGEFVSKDGVDYDVIEMPYEGESISMLLVTPFEKDVPLS
ALNKELSSSRIHQWRQEMRKISKQLSIPRFSMDTEIDLKSTLSRMGLGDIFSQSRADFSRITTEEPLCVSKVLQRVKLEV
NEEGTKGSSATAAVIYSRMAVEEITLDRPFFFLIQHKPTGALLFSGQLTQPQEY
;
_entity_poly.pdbx_strand_id   A,B
#
loop_
_chem_comp.id
_chem_comp.type
_chem_comp.name
_chem_comp.formula
NAG D-saccharide, beta linking 2-acetamido-2-deoxy-beta-D-glucopyranose 'C8 H15 N O6'
#
# COMPACT_ATOMS: atom_id res chain seq x y z
N ASN A 1 19.31 -26.85 3.44
CA ASN A 1 20.34 -26.83 2.39
C ASN A 1 20.29 -25.54 1.54
N LEU A 2 20.97 -25.58 0.38
CA LEU A 2 21.09 -24.41 -0.49
C LEU A 2 19.75 -23.93 -1.00
N ILE A 3 18.91 -24.87 -1.44
CA ILE A 3 17.65 -24.43 -2.09
C ILE A 3 16.53 -24.22 -1.05
N GLN A 4 16.60 -24.95 0.07
CA GLN A 4 15.79 -24.59 1.23
C GLN A 4 16.01 -23.12 1.58
N ASP A 5 17.27 -22.71 1.69
CA ASP A 5 17.52 -21.32 2.05
C ASP A 5 17.00 -20.34 1.03
N LYS A 6 16.98 -20.77 -0.24
CA LYS A 6 16.48 -19.88 -1.29
C LYS A 6 14.96 -19.71 -1.12
N GLN A 7 14.28 -20.80 -0.75
CA GLN A 7 12.82 -20.75 -0.51
C GLN A 7 12.50 -19.91 0.71
N THR A 8 13.31 -20.09 1.76
CA THR A 8 13.08 -19.32 2.99
C THR A 8 13.29 -17.87 2.67
N ASP A 9 14.35 -17.57 1.92
CA ASP A 9 14.63 -16.18 1.63
C ASP A 9 13.60 -15.60 0.79
N PHE A 10 13.08 -16.38 -0.16
CA PHE A 10 12.10 -15.80 -1.07
C PHE A 10 10.83 -15.52 -0.24
N GLY A 11 10.42 -16.50 0.55
CA GLY A 11 9.25 -16.30 1.39
C GLY A 11 9.39 -15.16 2.41
N LEU A 12 10.58 -14.98 2.99
CA LEU A 12 10.78 -13.83 3.93
C LEU A 12 10.80 -12.50 3.21
N GLN A 13 11.28 -12.49 1.97
CA GLN A 13 11.17 -11.26 1.20
C GLN A 13 9.71 -10.91 0.99
N VAL A 14 8.89 -11.92 0.68
CA VAL A 14 7.44 -11.62 0.51
C VAL A 14 6.90 -11.09 1.83
N PHE A 15 7.29 -11.76 2.93
CA PHE A 15 6.86 -11.31 4.26
C PHE A 15 7.34 -9.88 4.51
N ALA A 16 8.60 -9.63 4.24
CA ALA A 16 9.08 -8.25 4.46
C ALA A 16 8.34 -7.19 3.60
N GLU A 17 7.92 -7.52 2.35
CA GLU A 17 7.12 -6.56 1.58
C GLU A 17 5.76 -6.37 2.15
N ALA A 18 5.21 -7.46 2.67
CA ALA A 18 3.88 -7.37 3.25
C ALA A 18 3.85 -6.45 4.49
N VAL A 19 4.81 -6.60 5.39
CA VAL A 19 4.82 -5.73 6.58
C VAL A 19 5.16 -4.29 6.23
N GLN A 20 5.96 -4.06 5.21
CA GLN A 20 6.33 -2.70 4.86
C GLN A 20 5.10 -1.89 4.44
N SER A 21 4.19 -2.56 3.73
CA SER A 21 2.97 -1.90 3.28
C SER A 21 1.87 -1.88 4.35
N ALA A 22 1.99 -2.71 5.39
CA ALA A 22 1.03 -2.62 6.50
C ALA A 22 1.74 -2.71 7.87
N PRO A 23 2.51 -1.69 8.23
CA PRO A 23 3.38 -1.83 9.40
C PRO A 23 2.59 -2.05 10.71
N ASP A 24 1.34 -1.57 10.78
CA ASP A 24 0.61 -1.55 12.05
C ASP A 24 -0.32 -2.74 12.23
N ARG A 25 -0.33 -3.66 11.29
CA ARG A 25 -1.26 -4.77 11.35
C ARG A 25 -0.61 -6.10 11.73
N ASN A 26 -1.30 -6.89 12.56
CA ASN A 26 -0.95 -8.27 12.83
C ASN A 26 -0.89 -8.99 11.49
N LEU A 27 0.17 -9.76 11.29
CA LEU A 27 0.30 -10.49 10.01
C LEU A 27 1.10 -11.77 10.27
N ALA A 28 0.54 -12.91 9.87
CA ALA A 28 1.30 -14.12 9.84
C ALA A 28 1.18 -14.71 8.40
N LEU A 29 2.34 -15.00 7.79
CA LEU A 29 2.42 -15.73 6.52
C LEU A 29 3.23 -17.02 6.70
N SER A 30 3.24 -17.88 5.67
CA SER A 30 4.05 -19.08 5.74
C SER A 30 5.05 -18.99 4.57
N PRO A 31 6.34 -18.75 4.85
CA PRO A 31 7.33 -18.76 3.75
C PRO A 31 7.35 -20.11 3.05
N TYR A 32 7.30 -21.22 3.80
CA TYR A 32 7.20 -22.51 3.13
C TYR A 32 5.97 -22.55 2.17
N GLY A 33 4.81 -22.12 2.65
CA GLY A 33 3.55 -22.17 1.86
C GLY A 33 3.65 -21.29 0.64
N ILE A 34 4.31 -20.16 0.81
CA ILE A 34 4.39 -19.18 -0.34
C ILE A 34 5.33 -19.74 -1.42
N ALA A 35 6.44 -20.36 -1.00
CA ALA A 35 7.36 -20.96 -1.94
C ALA A 35 6.66 -22.14 -2.62
N SER A 36 5.85 -22.87 -1.88
CA SER A 36 5.12 -24.01 -2.42
C SER A 36 4.18 -23.64 -3.58
N VAL A 37 3.32 -22.65 -3.37
CA VAL A 37 2.44 -22.22 -4.45
C VAL A 37 3.15 -21.56 -5.59
N LEU A 38 4.21 -20.82 -5.30
CA LEU A 38 4.85 -20.18 -6.46
C LEU A 38 5.66 -21.25 -7.19
N GLY A 39 5.96 -22.34 -6.48
CA GLY A 39 6.63 -23.47 -7.12
C GLY A 39 5.65 -24.17 -8.07
N MET A 40 4.42 -24.33 -7.60
CA MET A 40 3.34 -24.78 -8.50
C MET A 40 3.20 -23.90 -9.74
N ALA A 41 3.29 -22.57 -9.56
CA ALA A 41 3.14 -21.70 -10.71
C ALA A 41 4.30 -21.90 -11.68
N GLN A 42 5.52 -22.06 -11.14
CA GLN A 42 6.68 -22.33 -11.99
C GLN A 42 6.45 -23.53 -12.90
N MET A 43 5.75 -24.56 -12.40
CA MET A 43 5.57 -25.83 -13.15
C MET A 43 4.74 -25.60 -14.42
N GLY A 44 4.01 -24.50 -14.42
CA GLY A 44 3.10 -24.15 -15.51
C GLY A 44 3.65 -23.06 -16.41
N ALA A 45 4.68 -22.36 -15.89
CA ALA A 45 5.24 -21.20 -16.57
C ALA A 45 6.20 -21.67 -17.66
N TYR A 46 6.43 -20.80 -18.63
CA TYR A 46 7.27 -21.16 -19.76
C TYR A 46 7.92 -19.88 -20.23
N GLY A 47 9.01 -19.97 -21.02
CA GLY A 47 9.53 -18.76 -21.69
C GLY A 47 9.96 -17.67 -20.67
N ALA A 48 9.55 -16.42 -20.93
CA ALA A 48 10.01 -15.27 -20.13
C ALA A 48 9.40 -15.35 -18.70
N THR A 49 8.22 -15.97 -18.58
CA THR A 49 7.54 -16.00 -17.27
C THR A 49 8.27 -16.95 -16.33
N LEU A 50 8.67 -18.10 -16.88
CA LEU A 50 9.55 -19.03 -16.14
C LEU A 50 10.88 -18.38 -15.73
N LYS A 51 11.46 -17.66 -16.69
CA LYS A 51 12.74 -17.00 -16.49
C LYS A 51 12.61 -15.95 -15.37
N LEU A 52 11.54 -15.16 -15.43
CA LEU A 52 11.25 -14.17 -14.41
C LEU A 52 11.10 -14.85 -13.04
N LEU A 53 10.26 -15.87 -12.98
CA LEU A 53 10.02 -16.54 -11.69
C LEU A 53 11.31 -17.09 -11.10
N ALA A 54 12.07 -17.78 -11.94
CA ALA A 54 13.28 -18.46 -11.53
C ALA A 54 14.29 -17.41 -10.98
N SER A 55 14.38 -16.26 -11.64
CA SER A 55 15.30 -15.26 -11.19
C SER A 55 14.84 -14.62 -9.90
N LYS A 56 13.53 -14.42 -9.70
CA LYS A 56 13.10 -13.82 -8.41
C LYS A 56 13.14 -14.84 -7.28
N MET A 57 12.91 -16.10 -7.60
CA MET A 57 12.87 -17.06 -6.53
C MET A 57 14.24 -17.61 -6.22
N GLY A 58 15.16 -17.52 -7.17
CA GLY A 58 16.51 -18.04 -6.97
C GLY A 58 16.70 -19.50 -7.38
N TYR A 59 15.66 -20.19 -7.84
CA TYR A 59 15.82 -21.59 -8.26
C TYR A 59 14.70 -21.95 -9.23
N SER A 60 14.85 -23.10 -9.89
CA SER A 60 13.82 -23.56 -10.80
C SER A 60 13.42 -25.02 -10.55
N LEU A 61 12.13 -25.24 -10.32
CA LEU A 61 11.64 -26.60 -10.08
C LEU A 61 11.63 -27.42 -11.34
N GLN A 62 11.77 -26.76 -12.49
CA GLN A 62 11.85 -27.51 -13.77
C GLN A 62 13.26 -28.10 -14.04
N GLU A 63 14.23 -27.76 -13.20
CA GLU A 63 15.58 -28.28 -13.32
C GLU A 63 15.73 -29.70 -12.70
N ARG A 64 16.64 -30.48 -13.26
CA ARG A 64 16.84 -31.87 -12.86
C ARG A 64 16.99 -32.04 -11.33
N GLY A 65 16.34 -33.06 -10.75
CA GLY A 65 16.45 -33.32 -9.30
C GLY A 65 15.66 -32.41 -8.35
N MET A 66 15.15 -31.31 -8.87
CA MET A 66 14.41 -30.36 -8.06
C MET A 66 13.01 -30.83 -7.68
N PRO A 67 12.34 -31.59 -8.56
CA PRO A 67 11.00 -32.00 -8.14
C PRO A 67 11.15 -32.91 -6.95
N LYS A 68 12.16 -33.76 -6.93
CA LYS A 68 12.29 -34.63 -5.77
C LYS A 68 12.54 -33.85 -4.47
N LEU A 69 13.32 -32.77 -4.53
CA LEU A 69 13.53 -31.96 -3.33
C LEU A 69 12.26 -31.30 -2.81
N GLN A 70 11.45 -30.72 -3.70
CA GLN A 70 10.17 -30.14 -3.29
C GLN A 70 9.30 -31.23 -2.64
N ARG A 71 9.27 -32.40 -3.25
CA ARG A 71 8.39 -33.44 -2.78
C ARG A 71 8.73 -33.93 -1.38
N LEU A 72 10.02 -34.12 -1.10
CA LEU A 72 10.48 -34.59 0.24
C LEU A 72 10.27 -33.54 1.32
N LEU A 73 10.39 -32.27 0.93
CA LEU A 73 10.17 -31.14 1.84
C LEU A 73 8.73 -31.13 2.24
N GLN A 74 7.88 -31.13 1.21
CA GLN A 74 6.45 -31.13 1.47
C GLN A 74 6.07 -32.30 2.33
N ARG A 75 6.57 -33.48 1.96
CA ARG A 75 6.29 -34.68 2.75
C ARG A 75 6.72 -34.52 4.23
N ASP A 76 7.92 -34.01 4.48
CA ASP A 76 8.44 -33.89 5.89
C ASP A 76 7.61 -32.91 6.77
N LEU A 77 7.31 -31.74 6.22
CA LEU A 77 6.49 -30.78 6.92
C LEU A 77 5.07 -31.27 7.17
N ALA A 78 4.40 -31.80 6.14
CA ALA A 78 3.01 -32.24 6.33
C ALA A 78 2.92 -33.34 7.38
N SER A 79 4.00 -34.13 7.57
CA SER A 79 3.93 -35.27 8.47
C SER A 79 4.16 -34.83 9.95
N GLU A 80 4.44 -33.55 10.19
CA GLU A 80 4.62 -33.08 11.58
C GLU A 80 3.26 -33.07 12.27
N ASP A 81 3.23 -33.59 13.49
CA ASP A 81 2.03 -33.51 14.31
C ASP A 81 1.70 -32.04 14.59
N GLY A 82 0.41 -31.70 14.58
CA GLY A 82 0.04 -30.30 14.77
C GLY A 82 -0.05 -29.48 13.49
N VAL A 83 0.59 -29.96 12.42
CA VAL A 83 0.65 -29.21 11.15
C VAL A 83 -0.45 -29.71 10.19
N GLU A 84 -1.34 -28.80 9.76
CA GLU A 84 -2.34 -29.16 8.72
C GLU A 84 -2.10 -28.11 7.63
N VAL A 85 -1.68 -28.56 6.46
CA VAL A 85 -1.30 -27.62 5.42
C VAL A 85 -1.79 -28.16 4.06
N ALA A 86 -2.19 -27.27 3.15
CA ALA A 86 -2.70 -27.70 1.85
C ALA A 86 -2.27 -26.68 0.82
N SER A 87 -1.75 -27.15 -0.31
CA SER A 87 -1.51 -26.21 -1.43
C SER A 87 -2.24 -26.79 -2.66
N GLY A 88 -2.72 -25.93 -3.54
CA GLY A 88 -3.28 -26.52 -4.78
C GLY A 88 -3.51 -25.49 -5.83
N VAL A 89 -3.66 -25.96 -7.06
CA VAL A 89 -4.01 -25.05 -8.09
C VAL A 89 -5.44 -25.42 -8.57
N MET A 90 -6.24 -24.39 -8.70
CA MET A 90 -7.63 -24.53 -9.09
C MET A 90 -7.69 -23.85 -10.42
N VAL A 91 -8.17 -24.58 -11.44
CA VAL A 91 -8.19 -24.02 -12.78
C VAL A 91 -9.57 -24.18 -13.43
N ASP A 92 -9.95 -23.20 -14.25
CA ASP A 92 -11.29 -23.27 -14.79
C ASP A 92 -11.46 -24.56 -15.59
N ARG A 93 -12.59 -25.24 -15.33
CA ARG A 93 -12.84 -26.57 -15.95
C ARG A 93 -12.87 -26.59 -17.51
N LYS A 94 -13.02 -25.42 -18.14
CA LYS A 94 -13.11 -25.31 -19.59
C LYS A 94 -11.74 -25.32 -20.23
N ILE A 95 -10.70 -25.08 -19.46
CA ILE A 95 -9.38 -24.96 -20.08
C ILE A 95 -8.81 -26.34 -20.29
N ILE A 96 -8.15 -26.53 -21.43
CA ILE A 96 -7.63 -27.85 -21.79
C ILE A 96 -6.20 -27.89 -21.25
N LEU A 97 -5.93 -28.77 -20.29
CA LEU A 97 -4.59 -28.79 -19.66
C LEU A 97 -3.57 -29.61 -20.44
N GLU A 98 -2.34 -29.13 -20.48
CA GLU A 98 -1.24 -29.94 -21.01
C GLU A 98 -0.83 -31.06 -20.07
N LYS A 99 -0.59 -32.23 -20.61
CA LYS A 99 -0.04 -33.31 -19.83
C LYS A 99 1.23 -32.95 -19.01
N VAL A 100 2.13 -32.15 -19.59
CA VAL A 100 3.36 -31.81 -18.86
C VAL A 100 3.07 -31.13 -17.50
N PHE A 101 2.00 -30.34 -17.42
CA PHE A 101 1.66 -29.62 -16.20
C PHE A 101 1.20 -30.72 -15.22
N ARG A 102 0.35 -31.64 -15.69
CA ARG A 102 -0.08 -32.72 -14.80
C ARG A 102 1.10 -33.53 -14.24
N ARG A 103 2.03 -33.89 -15.12
CA ARG A 103 3.14 -34.74 -14.72
C ARG A 103 4.03 -33.99 -13.74
N SER A 104 4.27 -32.70 -14.00
CA SER A 104 5.09 -31.83 -13.11
C SER A 104 4.51 -31.69 -11.72
N LEU A 105 3.20 -31.43 -11.66
CA LEU A 105 2.61 -31.28 -10.33
C LEU A 105 2.65 -32.62 -9.59
N SER A 106 2.54 -33.75 -10.32
CA SER A 106 2.53 -35.03 -9.60
C SER A 106 3.93 -35.27 -9.10
N LYS A 107 4.94 -34.97 -9.92
CA LYS A 107 6.31 -35.34 -9.56
C LYS A 107 6.85 -34.47 -8.38
N ALA A 108 6.57 -33.17 -8.43
CA ALA A 108 7.07 -32.25 -7.38
C ALA A 108 6.16 -32.17 -6.19
N PHE A 109 4.83 -32.30 -6.38
CA PHE A 109 3.89 -31.98 -5.27
C PHE A 109 2.93 -33.10 -4.93
N GLN A 110 3.03 -34.20 -5.68
CA GLN A 110 2.06 -35.30 -5.57
C GLN A 110 0.65 -34.75 -5.58
N SER A 111 0.41 -33.81 -6.48
CA SER A 111 -0.91 -33.15 -6.53
C SER A 111 -1.43 -33.29 -7.93
N VAL A 112 -2.70 -32.92 -8.09
CA VAL A 112 -3.23 -32.79 -9.42
C VAL A 112 -3.85 -31.40 -9.48
N PRO A 113 -3.89 -30.83 -10.67
CA PRO A 113 -4.65 -29.57 -10.80
C PRO A 113 -6.14 -29.82 -10.56
N HIS A 114 -6.85 -28.93 -9.87
CA HIS A 114 -8.26 -29.17 -9.55
C HIS A 114 -9.13 -28.31 -10.44
N GLN A 115 -9.98 -28.97 -11.25
CA GLN A 115 -10.77 -28.23 -12.21
C GLN A 115 -12.04 -27.74 -11.51
N ILE A 116 -12.36 -26.45 -11.73
CA ILE A 116 -13.44 -25.78 -10.98
C ILE A 116 -14.31 -25.06 -12.01
N ASP A 117 -15.63 -25.07 -11.81
CA ASP A 117 -16.49 -24.28 -12.71
C ASP A 117 -16.54 -22.84 -12.14
N PHE A 118 -15.66 -21.94 -12.61
CA PHE A 118 -15.61 -20.58 -11.96
C PHE A 118 -16.75 -19.72 -12.47
N SER A 119 -17.52 -20.21 -13.45
CA SER A 119 -18.61 -19.38 -13.99
C SER A 119 -19.75 -19.29 -12.98
N GLN A 120 -19.69 -20.13 -11.94
CA GLN A 120 -20.63 -20.04 -10.83
C GLN A 120 -19.89 -19.73 -9.54
N PRO A 121 -19.61 -18.44 -9.32
CA PRO A 121 -18.61 -18.12 -8.26
C PRO A 121 -18.96 -18.62 -6.86
N GLU A 122 -20.25 -18.67 -6.54
CA GLU A 122 -20.59 -19.09 -5.18
C GLU A 122 -20.49 -20.60 -5.02
N MET A 123 -20.75 -21.34 -6.11
CA MET A 123 -20.53 -22.78 -6.04
C MET A 123 -19.03 -23.11 -5.96
N ALA A 124 -18.24 -22.44 -6.81
CA ALA A 124 -16.78 -22.57 -6.86
C ALA A 124 -16.19 -22.34 -5.49
N ARG A 125 -16.71 -21.29 -4.81
CA ARG A 125 -16.29 -21.00 -3.44
C ARG A 125 -16.55 -22.21 -2.51
N GLN A 126 -17.76 -22.78 -2.57
CA GLN A 126 -18.08 -23.91 -1.66
C GLN A 126 -17.20 -25.14 -1.94
N VAL A 127 -16.96 -25.43 -3.23
CA VAL A 127 -16.12 -26.54 -3.67
C VAL A 127 -14.67 -26.35 -3.18
N ILE A 128 -14.12 -25.16 -3.46
CA ILE A 128 -12.77 -24.87 -2.97
C ILE A 128 -12.69 -24.92 -1.45
N ASN A 129 -13.69 -24.33 -0.79
CA ASN A 129 -13.66 -24.45 0.69
C ASN A 129 -13.77 -25.87 1.23
N SER A 130 -14.59 -26.71 0.62
CA SER A 130 -14.69 -28.08 1.12
C SER A 130 -13.39 -28.82 0.88
N TRP A 131 -12.78 -28.60 -0.29
CA TRP A 131 -11.53 -29.30 -0.65
C TRP A 131 -10.47 -28.90 0.38
N THR A 132 -10.41 -27.60 0.66
CA THR A 132 -9.35 -27.07 1.59
C THR A 132 -9.60 -27.61 2.94
N SER A 133 -10.88 -27.59 3.35
CA SER A 133 -11.22 -28.19 4.67
C SER A 133 -10.82 -29.66 4.77
N ASP A 134 -11.16 -30.45 3.72
CA ASP A 134 -10.84 -31.90 3.74
C ASP A 134 -9.34 -32.09 3.87
N HIS A 135 -8.57 -31.20 3.23
CA HIS A 135 -7.11 -31.34 3.24
C HIS A 135 -6.40 -30.61 4.42
N THR A 136 -7.16 -30.11 5.39
CA THR A 136 -6.51 -29.52 6.58
C THR A 136 -7.17 -30.13 7.82
N ASP A 137 -7.84 -31.27 7.62
CA ASP A 137 -8.57 -31.88 8.74
C ASP A 137 -9.59 -30.95 9.38
N GLY A 138 -10.16 -30.05 8.58
CA GLY A 138 -11.24 -29.21 9.08
C GLY A 138 -10.74 -27.96 9.78
N MET A 139 -9.43 -27.84 9.89
CA MET A 139 -8.84 -26.71 10.61
C MET A 139 -8.96 -25.40 9.88
N ILE A 140 -8.99 -25.45 8.53
CA ILE A 140 -9.33 -24.28 7.75
C ILE A 140 -10.61 -24.65 7.00
N SER A 141 -11.75 -24.39 7.63
CA SER A 141 -13.05 -24.85 7.09
C SER A 141 -13.69 -23.90 6.08
N GLU A 142 -13.37 -22.60 6.12
CA GLU A 142 -13.90 -21.72 5.11
C GLU A 142 -12.81 -20.83 4.59
N PHE A 143 -11.91 -21.43 3.82
CA PHE A 143 -10.78 -20.70 3.31
C PHE A 143 -11.14 -19.34 2.71
N LEU A 144 -12.10 -19.32 1.78
CA LEU A 144 -12.45 -18.11 1.02
C LEU A 144 -13.76 -17.53 1.51
N PRO A 145 -13.79 -16.19 1.69
CA PRO A 145 -15.12 -15.56 1.91
C PRO A 145 -15.77 -15.24 0.59
N SER A 146 -17.02 -14.79 0.59
CA SER A 146 -17.62 -14.31 -0.65
C SER A 146 -16.93 -13.04 -1.11
N GLY A 147 -17.00 -12.77 -2.41
CA GLY A 147 -16.46 -11.55 -2.97
C GLY A 147 -15.03 -11.71 -3.44
N VAL A 148 -14.46 -12.91 -3.31
CA VAL A 148 -13.09 -13.04 -3.80
C VAL A 148 -13.08 -13.53 -5.23
N LEU A 149 -13.70 -14.69 -5.47
CA LEU A 149 -13.83 -15.19 -6.85
C LEU A 149 -14.86 -14.42 -7.69
N SER A 150 -14.61 -14.31 -8.97
CA SER A 150 -15.66 -13.78 -9.83
C SER A 150 -15.85 -14.72 -10.99
N GLU A 151 -16.80 -14.41 -11.88
CA GLU A 151 -17.00 -15.21 -13.09
C GLU A 151 -15.81 -15.12 -14.02
N LEU A 152 -14.94 -14.15 -13.79
CA LEU A 152 -13.78 -13.98 -14.66
C LEU A 152 -12.58 -14.78 -14.12
N THR A 153 -12.74 -15.43 -12.97
CA THR A 153 -11.60 -16.12 -12.30
C THR A 153 -11.23 -17.31 -13.19
N ARG A 154 -9.95 -17.52 -13.45
CA ARG A 154 -9.57 -18.68 -14.27
C ARG A 154 -8.56 -19.60 -13.63
N LEU A 155 -7.63 -19.01 -12.85
CA LEU A 155 -6.48 -19.77 -12.33
C LEU A 155 -6.07 -19.24 -10.98
N VAL A 156 -6.19 -20.07 -9.93
CA VAL A 156 -5.96 -19.64 -8.59
C VAL A 156 -4.95 -20.57 -7.96
N PHE A 157 -3.94 -20.01 -7.30
CA PHE A 157 -3.03 -20.85 -6.53
C PHE A 157 -3.32 -20.51 -5.05
N LEU A 158 -3.48 -21.53 -4.20
CA LEU A 158 -3.80 -21.26 -2.79
C LEU A 158 -3.05 -22.14 -1.86
N ASN A 159 -2.73 -21.59 -0.69
CA ASN A 159 -2.06 -22.34 0.35
C ASN A 159 -2.74 -22.02 1.68
N ALA A 160 -2.98 -23.05 2.47
CA ALA A 160 -3.71 -22.92 3.74
C ALA A 160 -2.88 -23.64 4.78
N LEU A 161 -2.72 -23.02 5.96
CA LEU A 161 -1.91 -23.70 6.99
C LEU A 161 -2.48 -23.42 8.37
N HIS A 162 -2.69 -24.48 9.15
CA HIS A 162 -3.07 -24.28 10.58
C HIS A 162 -2.04 -25.03 11.43
N PHE A 163 -1.64 -24.44 12.56
CA PHE A 163 -0.64 -25.14 13.36
C PHE A 163 -1.02 -25.09 14.82
N HIS A 164 -1.12 -26.28 15.41
CA HIS A 164 -1.38 -26.39 16.84
C HIS A 164 -0.13 -27.00 17.53
N GLY A 165 0.63 -26.13 18.19
CA GLY A 165 1.85 -26.58 18.80
C GLY A 165 1.64 -26.82 20.27
N VAL A 166 2.41 -27.74 20.81
CA VAL A 166 2.43 -27.93 22.24
C VAL A 166 3.86 -27.61 22.66
N TRP A 167 4.04 -26.59 23.55
CA TRP A 167 5.37 -26.26 24.07
C TRP A 167 5.99 -27.47 24.75
N LYS A 168 7.32 -27.57 24.65
CA LYS A 168 8.04 -28.61 25.37
C LYS A 168 7.84 -28.40 26.89
N THR A 169 7.96 -27.16 27.33
CA THR A 169 7.65 -26.79 28.72
C THR A 169 6.40 -25.89 28.71
N PRO A 170 5.31 -26.37 29.34
CA PRO A 170 4.07 -25.60 29.48
C PRO A 170 4.27 -24.28 30.25
N PHE A 171 3.47 -23.27 29.92
CA PHE A 171 3.35 -22.07 30.76
C PHE A 171 2.28 -22.41 31.78
N ASP A 172 2.47 -21.94 33.01
CA ASP A 172 1.38 -22.07 33.97
C ASP A 172 0.38 -20.93 33.76
N PRO A 173 -0.87 -21.28 33.43
CA PRO A 173 -1.87 -20.23 33.24
C PRO A 173 -2.08 -19.38 34.53
N ARG A 174 -1.84 -19.96 35.71
CA ARG A 174 -1.92 -19.12 36.93
C ARG A 174 -0.89 -17.99 36.94
N ASN A 175 0.24 -18.19 36.22
CA ASN A 175 1.23 -17.12 36.04
C ASN A 175 0.90 -16.13 34.94
N THR A 176 -0.20 -16.35 34.24
CA THR A 176 -0.57 -15.40 33.16
C THR A 176 -1.23 -14.21 33.82
N ARG A 177 -0.86 -13.00 33.39
CA ARG A 177 -1.47 -11.83 34.00
C ARG A 177 -1.64 -10.72 33.04
N GLU A 178 -2.62 -9.85 33.33
CA GLU A 178 -2.85 -8.68 32.48
C GLU A 178 -1.71 -7.72 32.63
N GLN A 179 -1.07 -7.39 31.52
CA GLN A 179 0.01 -6.39 31.58
C GLN A 179 -0.14 -5.57 30.30
N LEU A 180 0.54 -4.44 30.26
CA LEU A 180 0.33 -3.46 29.24
C LEU A 180 1.24 -3.76 28.01
N PHE A 181 0.62 -3.68 26.83
CA PHE A 181 1.37 -3.90 25.58
C PHE A 181 1.34 -2.58 24.83
N HIS A 182 2.48 -2.14 24.32
CA HIS A 182 2.56 -0.83 23.65
C HIS A 182 2.44 -0.93 22.15
N THR A 183 1.38 -0.39 21.58
CA THR A 183 1.16 -0.57 20.15
C THR A 183 1.98 0.49 19.38
N VAL A 184 1.99 0.42 18.04
CA VAL A 184 2.75 1.42 17.26
C VAL A 184 2.12 2.83 17.41
N ASN A 185 0.80 2.85 17.66
CA ASN A 185 0.00 4.06 17.98
C ASN A 185 0.68 4.92 19.02
N GLY A 186 1.53 4.30 19.83
CA GLY A 186 1.94 4.88 21.09
C GLY A 186 1.01 4.45 22.22
N SER A 187 -0.18 3.96 21.89
CA SER A 187 -1.14 3.64 22.95
C SER A 187 -0.82 2.32 23.66
N ALA A 188 -1.20 2.21 24.93
CA ALA A 188 -0.92 1.02 25.73
C ALA A 188 -2.21 0.31 26.02
N VAL A 189 -2.20 -1.01 25.83
CA VAL A 189 -3.44 -1.75 26.10
C VAL A 189 -3.13 -2.95 26.95
N SER A 190 -4.02 -3.27 27.89
CA SER A 190 -3.73 -4.32 28.86
C SER A 190 -4.13 -5.68 28.27
N VAL A 191 -3.19 -6.63 28.22
CA VAL A 191 -3.47 -7.97 27.61
C VAL A 191 -2.92 -9.11 28.46
N PRO A 192 -3.47 -10.34 28.29
CA PRO A 192 -2.90 -11.49 29.00
C PRO A 192 -1.47 -11.79 28.52
N MET A 193 -0.54 -11.76 29.48
CA MET A 193 0.89 -11.94 29.25
C MET A 193 1.24 -13.21 29.99
N MET A 194 1.63 -14.24 29.22
CA MET A 194 2.05 -15.52 29.78
C MET A 194 3.48 -15.36 30.24
N THR A 195 3.85 -16.03 31.31
CA THR A 195 5.22 -15.88 31.83
C THR A 195 5.81 -17.19 32.29
N THR A 196 7.12 -17.32 32.02
CA THR A 196 7.89 -18.50 32.35
C THR A 196 9.37 -18.17 32.54
N THR A 197 10.04 -18.98 33.36
CA THR A 197 11.45 -18.82 33.59
C THR A 197 12.10 -20.16 33.22
N GLN A 198 13.14 -20.13 32.40
CA GLN A 198 13.84 -21.36 32.02
C GLN A 198 15.15 -20.95 31.35
N LYS A 199 16.06 -21.90 31.19
CA LYS A 199 17.27 -21.68 30.37
C LYS A 199 16.80 -21.55 28.90
N PHE A 200 16.97 -20.36 28.31
CA PHE A 200 16.48 -20.10 26.96
C PHE A 200 17.64 -19.93 26.01
N ASN A 201 17.53 -20.52 24.82
CA ASN A 201 18.49 -20.17 23.80
C ASN A 201 18.30 -18.71 23.47
N TYR A 202 19.39 -17.95 23.52
CA TYR A 202 19.24 -16.50 23.55
C TYR A 202 20.47 -15.88 22.94
N GLY A 203 20.28 -14.75 22.28
CA GLY A 203 21.38 -14.00 21.67
C GLY A 203 20.98 -12.53 21.52
N GLU A 204 21.99 -11.67 21.44
CA GLU A 204 21.80 -10.23 21.19
C GLU A 204 22.61 -9.95 19.96
N PHE A 205 22.10 -9.07 19.10
CA PHE A 205 22.67 -8.90 17.77
C PHE A 205 22.47 -7.47 17.44
N VAL A 206 23.10 -7.01 16.37
CA VAL A 206 22.82 -5.69 15.88
C VAL A 206 22.57 -5.85 14.39
N SER A 207 21.66 -5.05 13.83
CA SER A 207 21.33 -5.21 12.42
C SER A 207 22.41 -4.51 11.63
N LYS A 208 22.25 -4.48 10.30
CA LYS A 208 23.18 -3.77 9.42
C LYS A 208 23.14 -2.25 9.65
N ASP A 209 21.95 -1.70 9.91
CA ASP A 209 21.74 -0.27 10.12
C ASP A 209 22.00 0.21 11.55
N GLY A 210 22.72 -0.61 12.31
CA GLY A 210 23.00 -0.31 13.70
C GLY A 210 21.80 -0.30 14.64
N VAL A 211 20.89 -1.27 14.46
CA VAL A 211 19.78 -1.42 15.41
C VAL A 211 19.99 -2.63 16.32
N ASP A 212 20.02 -2.40 17.62
CA ASP A 212 20.31 -3.47 18.58
C ASP A 212 19.02 -4.28 18.84
N TYR A 213 19.10 -5.62 18.85
CA TYR A 213 17.91 -6.43 19.06
C TYR A 213 18.25 -7.78 19.62
N ASP A 214 17.24 -8.44 20.16
CA ASP A 214 17.43 -9.75 20.75
C ASP A 214 16.67 -10.78 19.96
N VAL A 215 17.07 -12.03 20.10
CA VAL A 215 16.22 -13.11 19.65
C VAL A 215 16.26 -14.19 20.66
N ILE A 216 15.11 -14.77 20.88
CA ILE A 216 15.04 -15.78 21.90
C ILE A 216 14.27 -16.95 21.31
N GLU A 217 14.61 -18.17 21.71
CA GLU A 217 14.04 -19.35 21.10
C GLU A 217 13.25 -20.16 22.06
N MET A 218 12.12 -20.68 21.60
CA MET A 218 11.29 -21.50 22.46
C MET A 218 10.90 -22.75 21.72
N PRO A 219 11.24 -23.93 22.26
CA PRO A 219 10.96 -25.20 21.57
C PRO A 219 9.57 -25.78 21.77
N TYR A 220 8.99 -26.38 20.71
CA TYR A 220 7.81 -27.22 20.90
C TYR A 220 8.26 -28.65 21.29
N GLU A 221 7.32 -29.43 21.79
CA GLU A 221 7.68 -30.81 22.18
C GLU A 221 8.10 -31.65 20.97
N GLY A 222 9.12 -32.49 21.17
CA GLY A 222 9.78 -33.24 20.09
C GLY A 222 11.08 -32.56 19.69
N GLU A 223 11.05 -31.23 19.78
CA GLU A 223 12.09 -30.32 19.26
C GLU A 223 12.39 -30.45 17.77
N SER A 224 11.40 -30.85 16.97
CA SER A 224 11.56 -30.69 15.52
C SER A 224 11.17 -29.26 15.13
N ILE A 225 10.28 -28.66 15.94
CA ILE A 225 9.84 -27.28 15.65
C ILE A 225 10.13 -26.33 16.86
N SER A 226 10.40 -25.07 16.57
CA SER A 226 10.64 -24.11 17.67
C SER A 226 10.24 -22.72 17.14
N MET A 227 9.89 -21.83 18.04
CA MET A 227 9.56 -20.46 17.68
C MET A 227 10.72 -19.55 18.07
N LEU A 228 11.13 -18.71 17.14
CA LEU A 228 12.09 -17.66 17.35
C LEU A 228 11.35 -16.34 17.48
N LEU A 229 11.63 -15.61 18.56
CA LEU A 229 10.98 -14.35 18.83
C LEU A 229 12.03 -13.30 18.69
N VAL A 230 11.75 -12.24 17.92
CA VAL A 230 12.74 -11.26 17.58
C VAL A 230 12.25 -9.86 17.79
N THR A 231 13.00 -9.05 18.54
CA THR A 231 12.50 -7.70 18.87
C THR A 231 13.61 -6.65 19.19
N PRO A 232 13.38 -5.39 18.81
CA PRO A 232 14.32 -4.30 19.10
C PRO A 232 14.58 -4.17 20.61
N PHE A 233 15.80 -3.79 20.97
CA PHE A 233 16.18 -3.61 22.38
C PHE A 233 15.47 -2.40 22.98
N GLU A 234 15.57 -1.29 22.24
CA GLU A 234 14.97 -0.03 22.63
C GLU A 234 13.46 -0.03 22.41
N LYS A 235 12.73 0.38 23.44
CA LYS A 235 11.30 0.21 23.46
C LYS A 235 10.69 1.15 22.44
N ASP A 236 11.36 2.28 22.24
CA ASP A 236 10.83 3.28 21.31
C ASP A 236 11.35 3.17 19.86
N VAL A 237 12.20 2.19 19.56
CA VAL A 237 12.49 1.91 18.13
C VAL A 237 11.47 0.97 17.49
N PRO A 238 10.82 1.40 16.40
CA PRO A 238 9.84 0.55 15.71
C PRO A 238 10.39 -0.79 15.19
N LEU A 239 9.49 -1.78 15.13
CA LEU A 239 9.79 -3.13 14.59
C LEU A 239 10.27 -3.11 13.14
N SER A 240 9.86 -2.09 12.40
CA SER A 240 10.18 -1.95 10.97
C SER A 240 11.69 -1.99 10.66
N ALA A 241 12.46 -1.34 11.52
CA ALA A 241 13.90 -1.32 11.44
C ALA A 241 14.57 -2.72 11.27
N LEU A 242 13.84 -3.79 11.58
CA LEU A 242 14.42 -5.13 11.57
C LEU A 242 14.05 -5.96 10.32
N ASN A 243 13.27 -5.37 9.42
CA ASN A 243 12.62 -6.17 8.35
C ASN A 243 13.64 -6.95 7.51
N LYS A 244 14.84 -6.37 7.39
CA LYS A 244 15.85 -6.85 6.47
C LYS A 244 16.86 -7.72 7.18
N GLU A 245 16.59 -8.04 8.45
CA GLU A 245 17.43 -9.02 9.12
C GLU A 245 16.92 -10.39 8.81
N LEU A 246 15.67 -10.45 8.35
CA LEU A 246 15.06 -11.74 8.18
C LEU A 246 15.57 -12.38 6.87
N SER A 247 16.65 -13.18 6.96
CA SER A 247 17.21 -13.92 5.79
C SER A 247 17.59 -15.23 6.34
N SER A 248 17.76 -16.25 5.49
CA SER A 248 18.08 -17.57 6.02
C SER A 248 19.51 -17.56 6.59
N SER A 249 20.39 -16.73 6.03
CA SER A 249 21.76 -16.71 6.51
C SER A 249 21.80 -16.04 7.88
N ARG A 250 21.04 -14.96 8.04
CA ARG A 250 21.00 -14.27 9.35
C ARG A 250 20.43 -15.20 10.39
N ILE A 251 19.47 -16.03 9.98
CA ILE A 251 18.92 -17.00 10.91
C ILE A 251 19.96 -18.08 11.27
N HIS A 252 20.82 -18.41 10.31
CA HIS A 252 21.90 -19.38 10.54
C HIS A 252 22.89 -18.84 11.59
N GLN A 253 23.28 -17.58 11.43
CA GLN A 253 24.18 -17.01 12.42
C GLN A 253 23.56 -16.75 13.78
N TRP A 254 22.24 -16.50 13.83
CA TRP A 254 21.57 -16.45 15.14
C TRP A 254 21.78 -17.79 15.82
N ARG A 255 21.64 -18.89 15.06
CA ARG A 255 21.60 -20.19 15.73
C ARG A 255 22.95 -20.67 16.24
N GLN A 256 24.01 -20.04 15.78
CA GLN A 256 25.31 -20.50 16.19
C GLN A 256 25.90 -19.53 17.21
N GLU A 257 25.36 -18.31 17.22
CA GLU A 257 25.72 -17.32 18.23
C GLU A 257 24.81 -17.31 19.45
N MET A 258 23.71 -18.04 19.43
CA MET A 258 22.83 -18.07 20.63
C MET A 258 23.33 -19.10 21.63
N ARG A 259 23.15 -18.83 22.91
CA ARG A 259 23.51 -19.79 23.96
C ARG A 259 22.38 -19.79 24.97
N LYS A 260 22.17 -20.95 25.60
CA LYS A 260 21.24 -21.09 26.71
C LYS A 260 21.62 -20.15 27.85
N ILE A 261 20.59 -19.64 28.52
CA ILE A 261 20.79 -18.72 29.62
C ILE A 261 19.46 -18.52 30.28
N SER A 262 19.44 -18.49 31.61
CA SER A 262 18.23 -18.32 32.39
C SER A 262 17.60 -17.00 32.06
N LYS A 263 16.29 -17.01 31.87
CA LYS A 263 15.60 -15.77 31.55
C LYS A 263 14.16 -15.90 32.01
N GLN A 264 13.60 -14.80 32.50
CA GLN A 264 12.17 -14.80 32.72
C GLN A 264 11.54 -14.13 31.49
N LEU A 265 10.77 -14.93 30.73
CA LEU A 265 10.17 -14.50 29.48
C LEU A 265 8.68 -14.26 29.68
N SER A 266 8.18 -13.13 29.18
CA SER A 266 6.75 -12.83 29.22
C SER A 266 6.32 -12.49 27.81
N ILE A 267 5.26 -13.16 27.33
CA ILE A 267 4.85 -12.96 25.95
C ILE A 267 3.34 -12.99 25.92
N PRO A 268 2.75 -12.18 25.07
CA PRO A 268 1.29 -12.19 25.02
C PRO A 268 0.76 -13.52 24.53
N ARG A 269 -0.37 -13.93 25.10
CA ARG A 269 -1.20 -14.97 24.51
C ARG A 269 -1.87 -14.35 23.28
N PHE A 270 -1.82 -15.04 22.14
CA PHE A 270 -2.50 -14.43 20.98
C PHE A 270 -2.82 -15.53 19.92
N SER A 271 -3.76 -15.19 19.05
CA SER A 271 -4.20 -16.00 17.93
C SER A 271 -4.21 -15.10 16.73
N MET A 272 -3.87 -15.67 15.59
CA MET A 272 -3.90 -14.91 14.37
C MET A 272 -4.60 -15.78 13.28
N ASP A 273 -5.35 -15.13 12.42
CA ASP A 273 -5.94 -15.83 11.27
C ASP A 273 -5.74 -14.85 10.12
N THR A 274 -4.64 -15.02 9.37
CA THR A 274 -4.32 -14.00 8.37
C THR A 274 -4.74 -14.51 6.99
N GLU A 275 -5.56 -13.74 6.29
CA GLU A 275 -5.90 -14.08 4.90
C GLU A 275 -5.18 -13.08 4.07
N ILE A 276 -4.49 -13.52 3.03
CA ILE A 276 -3.86 -12.53 2.20
C ILE A 276 -3.91 -12.90 0.73
N ASP A 277 -4.14 -11.87 -0.08
CA ASP A 277 -4.11 -12.02 -1.51
C ASP A 277 -2.72 -11.50 -1.82
N LEU A 278 -1.87 -12.34 -2.41
CA LEU A 278 -0.47 -11.95 -2.58
C LEU A 278 -0.15 -11.17 -3.84
N LYS A 279 -1.17 -10.77 -4.60
CA LYS A 279 -0.87 -9.96 -5.79
C LYS A 279 -0.02 -8.73 -5.47
N SER A 280 -0.46 -7.93 -4.51
CA SER A 280 0.21 -6.61 -4.36
C SER A 280 1.69 -6.81 -3.93
N THR A 281 1.92 -7.72 -3.01
CA THR A 281 3.27 -8.05 -2.59
C THR A 281 4.15 -8.63 -3.70
N LEU A 282 3.65 -9.64 -4.42
CA LEU A 282 4.47 -10.22 -5.48
C LEU A 282 4.78 -9.20 -6.56
N SER A 283 3.84 -8.31 -6.86
CA SER A 283 4.10 -7.30 -7.84
C SER A 283 5.19 -6.33 -7.35
N ARG A 284 5.23 -6.05 -6.05
CA ARG A 284 6.27 -5.18 -5.51
C ARG A 284 7.58 -5.90 -5.63
N MET A 285 7.54 -7.23 -5.64
CA MET A 285 8.76 -7.99 -5.89
C MET A 285 9.13 -8.17 -7.37
N GLY A 286 8.47 -7.44 -8.27
CA GLY A 286 8.81 -7.61 -9.68
C GLY A 286 8.11 -8.78 -10.41
N LEU A 287 7.14 -9.43 -9.77
CA LEU A 287 6.42 -10.57 -10.39
C LEU A 287 5.03 -10.20 -10.94
N GLY A 288 4.79 -8.90 -11.17
CA GLY A 288 3.53 -8.42 -11.70
C GLY A 288 3.08 -9.12 -13.00
N ASP A 289 4.02 -9.46 -13.89
CA ASP A 289 3.65 -9.98 -15.18
C ASP A 289 2.94 -11.32 -15.10
N ILE A 290 3.11 -12.08 -14.00
CA ILE A 290 2.42 -13.38 -13.93
C ILE A 290 0.91 -13.16 -13.90
N PHE A 291 0.50 -11.93 -13.59
CA PHE A 291 -0.95 -11.60 -13.53
C PHE A 291 -1.45 -10.88 -14.77
N SER A 292 -0.56 -10.67 -15.75
CA SER A 292 -0.91 -9.87 -16.90
C SER A 292 -1.42 -10.82 -18.02
N GLN A 293 -2.61 -10.50 -18.53
CA GLN A 293 -3.22 -11.26 -19.61
C GLN A 293 -2.34 -11.16 -20.84
N SER A 294 -1.74 -10.00 -21.08
CA SER A 294 -0.87 -9.88 -22.25
C SER A 294 0.56 -10.43 -22.04
N ARG A 295 1.10 -10.40 -20.83
CA ARG A 295 2.52 -10.73 -20.70
C ARG A 295 2.75 -12.08 -20.06
N ALA A 296 1.72 -12.68 -19.44
CA ALA A 296 2.04 -13.94 -18.74
C ALA A 296 2.10 -15.11 -19.74
N ASP A 297 3.08 -16.00 -19.56
CA ASP A 297 3.22 -17.20 -20.39
C ASP A 297 3.10 -18.47 -19.56
N PHE A 298 1.87 -19.00 -19.49
CA PHE A 298 1.66 -20.30 -18.86
C PHE A 298 1.36 -21.38 -19.90
N SER A 299 2.22 -21.45 -20.90
CA SER A 299 2.06 -22.40 -22.02
C SER A 299 2.06 -23.85 -21.56
N ARG A 300 2.74 -24.09 -20.44
CA ARG A 300 2.77 -25.43 -19.88
C ARG A 300 1.46 -25.83 -19.26
N ILE A 301 0.62 -24.84 -18.93
CA ILE A 301 -0.74 -25.18 -18.44
C ILE A 301 -1.65 -25.45 -19.63
N THR A 302 -1.61 -24.55 -20.61
CA THR A 302 -2.50 -24.69 -21.74
C THR A 302 -1.87 -23.94 -22.90
N THR A 303 -2.06 -24.45 -24.11
CA THR A 303 -1.48 -23.72 -25.26
C THR A 303 -2.59 -23.18 -26.12
N GLU A 304 -3.82 -23.44 -25.75
CA GLU A 304 -4.90 -23.21 -26.71
C GLU A 304 -5.36 -21.76 -26.65
N GLU A 305 -4.88 -21.03 -25.64
CA GLU A 305 -5.41 -19.69 -25.38
C GLU A 305 -4.51 -18.99 -24.38
N PRO A 306 -4.59 -17.64 -24.32
CA PRO A 306 -3.91 -16.83 -23.30
C PRO A 306 -4.37 -17.23 -21.89
N LEU A 307 -3.48 -17.09 -20.92
CA LEU A 307 -3.80 -17.48 -19.55
C LEU A 307 -2.81 -16.82 -18.63
N CYS A 308 -3.33 -16.14 -17.62
CA CYS A 308 -2.48 -15.53 -16.55
C CYS A 308 -3.08 -15.94 -15.18
N VAL A 309 -2.29 -15.78 -14.13
CA VAL A 309 -2.78 -16.08 -12.79
C VAL A 309 -3.93 -15.13 -12.47
N SER A 310 -5.05 -15.67 -11.95
CA SER A 310 -6.13 -14.81 -11.41
C SER A 310 -5.81 -14.36 -9.96
N LYS A 311 -5.44 -15.30 -9.08
CA LYS A 311 -5.20 -15.00 -7.65
C LYS A 311 -4.14 -15.93 -7.11
N VAL A 312 -3.32 -15.39 -6.20
CA VAL A 312 -2.51 -16.19 -5.33
C VAL A 312 -2.89 -15.85 -3.88
N LEU A 313 -3.39 -16.86 -3.15
CA LEU A 313 -4.06 -16.63 -1.87
C LEU A 313 -3.43 -17.48 -0.81
N GLN A 314 -3.22 -16.92 0.38
CA GLN A 314 -2.75 -17.76 1.44
C GLN A 314 -3.66 -17.46 2.64
N ARG A 315 -3.91 -18.49 3.45
CA ARG A 315 -4.56 -18.28 4.73
C ARG A 315 -3.84 -19.07 5.78
N VAL A 316 -3.47 -18.41 6.88
CA VAL A 316 -2.61 -19.07 7.85
C VAL A 316 -3.20 -18.77 9.25
N LYS A 317 -3.15 -19.75 10.13
CA LYS A 317 -3.85 -19.61 11.38
C LYS A 317 -3.08 -20.33 12.48
N LEU A 318 -2.92 -19.66 13.61
CA LEU A 318 -2.26 -20.31 14.70
C LEU A 318 -2.73 -19.66 15.99
N GLU A 319 -2.60 -20.45 17.05
CA GLU A 319 -2.99 -19.98 18.37
C GLU A 319 -1.79 -20.18 19.27
N VAL A 320 -1.37 -19.11 19.96
CA VAL A 320 -0.20 -19.22 20.83
C VAL A 320 -0.74 -19.07 22.25
N ASN A 321 -0.64 -20.14 23.04
CA ASN A 321 -1.11 -20.10 24.42
C ASN A 321 -0.24 -20.95 25.34
N GLU A 322 -0.79 -21.32 26.50
CA GLU A 322 0.02 -21.86 27.61
C GLU A 322 0.35 -23.33 27.45
N GLU A 323 -0.52 -24.01 26.70
CA GLU A 323 -0.43 -25.47 26.52
C GLU A 323 0.97 -26.03 26.20
N GLY A 324 1.39 -26.96 27.06
CA GLY A 324 2.67 -27.62 26.97
C GLY A 324 2.47 -29.10 27.21
N THR A 325 3.57 -29.87 27.16
CA THR A 325 3.53 -31.35 27.23
C THR A 325 2.80 -31.76 28.50
N LYS A 326 1.70 -32.49 28.32
CA LYS A 326 0.85 -32.93 29.42
C LYS A 326 1.63 -33.59 30.55
N GLY A 327 1.31 -33.21 31.79
CA GLY A 327 1.95 -33.79 32.95
C GLY A 327 3.37 -33.28 33.18
N SER A 328 3.83 -32.38 32.32
CA SER A 328 5.10 -31.66 32.54
C SER A 328 4.96 -30.47 33.51
N SER A 329 6.05 -30.19 34.22
CA SER A 329 6.11 -29.06 35.15
C SER A 329 6.46 -27.73 34.47
N ALA A 330 5.65 -26.71 34.76
CA ALA A 330 5.91 -25.33 34.37
C ALA A 330 7.21 -24.76 34.94
N THR A 331 7.78 -25.42 35.95
CA THR A 331 8.91 -24.81 36.66
C THR A 331 10.19 -25.64 36.77
N ALA A 332 11.33 -24.97 36.53
CA ALA A 332 12.67 -25.52 36.68
C ALA A 332 12.97 -25.99 38.11
N ALA A 333 14.06 -26.73 38.32
CA ALA A 333 14.55 -27.04 39.67
C ALA A 333 15.13 -25.79 40.31
N VAL A 334 14.88 -25.57 41.60
CA VAL A 334 15.38 -24.33 42.24
C VAL A 334 16.91 -24.27 42.44
N ILE A 335 17.61 -23.62 41.50
CA ILE A 335 19.04 -23.38 41.66
C ILE A 335 19.30 -21.95 42.11
N TYR A 336 19.81 -21.81 43.34
CA TYR A 336 20.21 -20.52 43.86
C TYR A 336 21.35 -19.92 43.01
N SER A 337 21.25 -18.60 42.76
CA SER A 337 22.34 -17.86 42.12
C SER A 337 22.35 -16.39 42.56
N ARG A 338 23.55 -15.83 42.78
CA ARG A 338 23.71 -14.40 43.02
C ARG A 338 23.42 -13.61 41.75
N MET A 339 23.32 -14.32 40.64
CA MET A 339 22.91 -13.71 39.38
C MET A 339 21.40 -13.49 39.35
N ALA A 340 21.02 -12.21 39.28
CA ALA A 340 19.64 -11.82 39.02
C ALA A 340 19.32 -12.27 37.61
N VAL A 341 18.21 -12.99 37.46
CA VAL A 341 17.74 -13.42 36.15
C VAL A 341 17.14 -12.25 35.40
N GLU A 342 17.72 -11.88 34.25
CA GLU A 342 17.09 -10.85 33.43
C GLU A 342 15.64 -11.23 33.00
N GLU A 343 14.75 -10.24 33.07
CA GLU A 343 13.41 -10.37 32.52
C GLU A 343 13.44 -9.94 31.07
N ILE A 344 12.75 -10.69 30.21
CA ILE A 344 12.48 -10.28 28.83
C ILE A 344 10.96 -10.25 28.70
N THR A 345 10.42 -9.09 28.47
CA THR A 345 8.99 -9.03 28.35
C THR A 345 8.69 -8.48 26.97
N LEU A 346 7.82 -9.18 26.25
CA LEU A 346 7.48 -8.78 24.87
C LEU A 346 6.22 -7.93 24.88
N ASP A 347 6.38 -6.68 25.31
CA ASP A 347 5.26 -5.78 25.51
C ASP A 347 5.29 -4.68 24.44
N ARG A 348 5.87 -4.99 23.29
CA ARG A 348 5.88 -4.04 22.15
C ARG A 348 5.91 -5.00 20.92
N PRO A 349 5.60 -4.50 19.72
CA PRO A 349 5.56 -5.42 18.53
C PRO A 349 6.83 -6.22 18.33
N PHE A 350 6.68 -7.49 17.94
CA PHE A 350 7.85 -8.34 17.72
C PHE A 350 7.59 -9.28 16.52
N PHE A 351 8.66 -9.84 15.94
CA PHE A 351 8.48 -10.91 14.93
C PHE A 351 8.48 -12.24 15.60
N PHE A 352 7.80 -13.22 15.02
CA PHE A 352 7.94 -14.56 15.49
C PHE A 352 8.15 -15.40 14.24
N LEU A 353 9.08 -16.33 14.34
CA LEU A 353 9.28 -17.27 13.21
C LEU A 353 9.08 -18.64 13.73
N ILE A 354 8.37 -19.49 13.01
CA ILE A 354 8.26 -20.84 13.51
C ILE A 354 8.99 -21.70 12.50
N GLN A 355 9.99 -22.45 12.97
CA GLN A 355 10.95 -23.12 12.11
C GLN A 355 10.93 -24.61 12.29
N HIS A 356 10.92 -25.33 11.16
CA HIS A 356 11.06 -26.76 11.24
C HIS A 356 12.58 -27.08 11.21
N LYS A 357 13.18 -27.60 12.28
CA LYS A 357 14.65 -27.74 12.27
C LYS A 357 15.25 -28.74 11.24
N PRO A 358 14.58 -29.89 10.97
CA PRO A 358 15.22 -30.84 10.03
C PRO A 358 15.45 -30.26 8.64
N THR A 359 14.48 -29.52 8.10
CA THR A 359 14.56 -28.94 6.77
C THR A 359 15.10 -27.51 6.84
N GLY A 360 14.92 -26.86 8.00
CA GLY A 360 15.23 -25.44 8.16
C GLY A 360 14.09 -24.56 7.63
N ALA A 361 13.02 -25.20 7.17
CA ALA A 361 11.86 -24.49 6.62
C ALA A 361 11.16 -23.64 7.70
N LEU A 362 10.71 -22.47 7.26
CA LEU A 362 9.81 -21.62 8.03
C LEU A 362 8.34 -21.92 7.73
N LEU A 363 7.68 -22.50 8.70
CA LEU A 363 6.25 -22.66 8.67
C LEU A 363 5.58 -21.35 8.83
N PHE A 364 6.11 -20.45 9.70
CA PHE A 364 5.46 -19.12 9.84
C PHE A 364 6.47 -18.04 9.92
N SER A 365 6.09 -16.87 9.42
CA SER A 365 6.79 -15.63 9.76
C SER A 365 5.70 -14.65 9.98
N GLY A 366 5.70 -14.01 11.16
CA GLY A 366 4.64 -13.08 11.47
C GLY A 366 5.11 -11.93 12.34
N GLN A 367 4.30 -10.89 12.35
CA GLN A 367 4.53 -9.81 13.35
C GLN A 367 3.29 -9.70 14.22
N LEU A 368 3.50 -9.54 15.52
CA LEU A 368 2.38 -9.24 16.43
C LEU A 368 2.45 -7.75 16.79
N THR A 369 1.45 -6.99 16.36
CA THR A 369 1.45 -5.54 16.63
C THR A 369 0.25 -5.17 17.55
N GLN A 370 -0.69 -6.08 17.70
CA GLN A 370 -1.87 -5.83 18.55
C GLN A 370 -2.50 -7.15 18.99
N PRO A 371 -2.19 -7.60 20.22
CA PRO A 371 -2.50 -8.96 20.70
C PRO A 371 -4.00 -9.21 20.90
N GLN A 372 -4.79 -8.13 20.95
CA GLN A 372 -6.27 -8.25 21.11
C GLN A 372 -7.04 -8.59 19.81
N GLU A 373 -6.31 -8.59 18.70
CA GLU A 373 -6.87 -8.97 17.42
C GLU A 373 -6.30 -10.31 16.91
N TYR A 374 -6.91 -10.77 15.81
CA TYR A 374 -6.40 -11.86 14.98
C TYR A 374 -5.41 -11.34 13.92
N ASN B 1 8.50 10.85 2.22
CA ASN B 1 8.35 10.25 3.54
C ASN B 1 6.91 9.83 3.85
N LEU B 2 6.71 9.29 5.06
CA LEU B 2 5.36 8.88 5.48
C LEU B 2 4.29 10.00 5.40
N ILE B 3 4.61 11.21 5.89
CA ILE B 3 3.61 12.30 5.86
C ILE B 3 3.08 12.73 4.48
N GLN B 4 4.03 12.97 3.57
CA GLN B 4 3.78 13.19 2.16
C GLN B 4 2.90 12.10 1.51
N ASP B 5 3.24 10.86 1.80
CA ASP B 5 2.49 9.75 1.34
C ASP B 5 1.06 9.89 1.82
N LYS B 6 0.90 10.34 3.08
CA LYS B 6 -0.44 10.45 3.64
C LYS B 6 -1.20 11.59 2.99
N GLN B 7 -0.53 12.73 2.81
CA GLN B 7 -1.17 13.85 2.11
C GLN B 7 -1.59 13.40 0.74
N THR B 8 -0.65 12.76 0.02
CA THR B 8 -0.96 12.32 -1.36
C THR B 8 -2.15 11.38 -1.39
N ASP B 9 -2.14 10.39 -0.48
CA ASP B 9 -3.29 9.47 -0.40
C ASP B 9 -4.61 10.12 -0.09
N PHE B 10 -4.63 11.06 0.86
CA PHE B 10 -5.88 11.73 1.20
C PHE B 10 -6.37 12.50 -0.01
N GLY B 11 -5.44 13.16 -0.68
CA GLY B 11 -5.82 13.98 -1.85
C GLY B 11 -6.30 13.10 -2.99
N LEU B 12 -5.68 11.92 -3.14
CA LEU B 12 -6.13 11.00 -4.20
C LEU B 12 -7.48 10.39 -3.85
N GLN B 13 -7.76 10.27 -2.56
CA GLN B 13 -9.07 9.73 -2.16
C GLN B 13 -10.15 10.77 -2.47
N VAL B 14 -9.83 12.04 -2.21
CA VAL B 14 -10.72 13.11 -2.61
C VAL B 14 -10.92 13.08 -4.11
N PHE B 15 -9.82 12.97 -4.87
CA PHE B 15 -9.98 12.82 -6.31
C PHE B 15 -10.92 11.66 -6.73
N ALA B 16 -10.73 10.49 -6.14
CA ALA B 16 -11.55 9.32 -6.49
C ALA B 16 -13.01 9.56 -6.14
N GLU B 17 -13.27 10.27 -5.03
CA GLU B 17 -14.65 10.56 -4.61
C GLU B 17 -15.32 11.58 -5.58
N ALA B 18 -14.54 12.56 -6.02
CA ALA B 18 -15.05 13.59 -6.91
C ALA B 18 -15.33 12.96 -8.27
N VAL B 19 -14.40 12.13 -8.73
CA VAL B 19 -14.65 11.49 -10.01
C VAL B 19 -15.92 10.62 -9.96
N GLN B 20 -16.11 9.87 -8.86
CA GLN B 20 -17.28 8.99 -8.68
C GLN B 20 -18.60 9.70 -8.97
N SER B 21 -18.71 10.95 -8.50
CA SER B 21 -19.92 11.77 -8.69
C SER B 21 -20.16 12.21 -10.14
N ALA B 22 -19.10 12.34 -10.94
CA ALA B 22 -19.27 12.67 -12.36
C ALA B 22 -18.24 11.97 -13.24
N PRO B 23 -18.38 10.64 -13.40
CA PRO B 23 -17.33 9.75 -13.94
C PRO B 23 -16.83 10.09 -15.33
N ASP B 24 -17.64 10.75 -16.12
CA ASP B 24 -17.26 10.97 -17.51
C ASP B 24 -16.73 12.36 -17.81
N ARG B 25 -16.65 13.20 -16.78
CA ARG B 25 -16.28 14.60 -17.01
C ARG B 25 -14.83 14.88 -16.69
N ASN B 26 -14.29 15.88 -17.38
CA ASN B 26 -12.93 16.33 -17.11
C ASN B 26 -12.83 16.78 -15.68
N LEU B 27 -11.70 16.47 -15.06
CA LEU B 27 -11.51 16.97 -13.70
C LEU B 27 -10.03 17.03 -13.41
N ALA B 28 -9.55 18.13 -12.81
CA ALA B 28 -8.19 18.09 -12.25
C ALA B 28 -8.29 18.67 -10.85
N LEU B 29 -7.68 18.00 -9.88
CA LEU B 29 -7.58 18.54 -8.52
C LEU B 29 -6.10 18.59 -8.15
N SER B 30 -5.80 19.21 -7.00
CA SER B 30 -4.43 19.27 -6.51
C SER B 30 -4.46 18.60 -5.17
N PRO B 31 -3.90 17.37 -5.09
CA PRO B 31 -3.75 16.71 -3.81
C PRO B 31 -2.94 17.54 -2.82
N TYR B 32 -1.85 18.14 -3.30
CA TYR B 32 -1.08 19.02 -2.40
C TYR B 32 -2.01 20.12 -1.86
N GLY B 33 -2.77 20.80 -2.76
CA GLY B 33 -3.59 21.96 -2.37
C GLY B 33 -4.70 21.57 -1.37
N ILE B 34 -5.28 20.39 -1.56
CA ILE B 34 -6.35 19.88 -0.66
C ILE B 34 -5.80 19.61 0.75
N ALA B 35 -4.63 18.98 0.80
CA ALA B 35 -4.02 18.72 2.11
C ALA B 35 -3.60 20.08 2.77
N SER B 36 -3.19 21.05 1.97
CA SER B 36 -2.89 22.41 2.45
C SER B 36 -4.08 23.04 3.18
N VAL B 37 -5.21 23.21 2.48
CA VAL B 37 -6.36 23.82 3.16
C VAL B 37 -6.94 22.99 4.32
N LEU B 38 -6.95 21.67 4.16
CA LEU B 38 -7.43 20.85 5.29
C LEU B 38 -6.45 20.97 6.50
N GLY B 39 -5.18 21.20 6.22
CA GLY B 39 -4.24 21.39 7.32
C GLY B 39 -4.45 22.77 7.92
N MET B 40 -4.83 23.77 7.11
CA MET B 40 -5.22 25.03 7.73
C MET B 40 -6.43 24.85 8.62
N ALA B 41 -7.41 24.04 8.17
CA ALA B 41 -8.57 23.78 9.04
C ALA B 41 -8.13 23.05 10.32
N GLN B 42 -7.18 22.13 10.20
CA GLN B 42 -6.67 21.40 11.37
C GLN B 42 -6.17 22.37 12.42
N MET B 43 -5.55 23.46 11.97
CA MET B 43 -4.98 24.46 12.89
C MET B 43 -6.04 25.15 13.76
N GLY B 44 -7.28 25.20 13.31
CA GLY B 44 -8.35 25.83 14.09
C GLY B 44 -9.22 24.85 14.82
N ALA B 45 -9.04 23.57 14.48
CA ALA B 45 -9.92 22.58 15.05
C ALA B 45 -9.46 22.21 16.47
N TYR B 46 -10.41 21.75 17.25
CA TYR B 46 -10.16 21.38 18.61
C TYR B 46 -11.00 20.16 18.93
N GLY B 47 -10.64 19.42 19.98
CA GLY B 47 -11.52 18.39 20.49
C GLY B 47 -11.88 17.30 19.50
N ALA B 48 -13.17 16.98 19.39
CA ALA B 48 -13.65 15.90 18.50
C ALA B 48 -13.35 16.21 17.03
N THR B 49 -13.38 17.49 16.70
CA THR B 49 -13.20 17.90 15.31
C THR B 49 -11.77 17.67 14.90
N LEU B 50 -10.82 17.99 15.79
CA LEU B 50 -9.42 17.74 15.47
C LEU B 50 -9.17 16.21 15.30
N LYS B 51 -9.73 15.39 16.18
CA LYS B 51 -9.53 13.95 16.10
C LYS B 51 -10.13 13.48 14.81
N LEU B 52 -11.31 14.03 14.48
CA LEU B 52 -11.98 13.60 13.27
C LEU B 52 -11.09 13.87 12.07
N LEU B 53 -10.56 15.08 11.98
CA LEU B 53 -9.69 15.44 10.85
C LEU B 53 -8.40 14.62 10.84
N ALA B 54 -7.81 14.43 12.03
CA ALA B 54 -6.56 13.68 12.15
C ALA B 54 -6.82 12.23 11.75
N SER B 55 -7.99 11.69 12.08
CA SER B 55 -8.18 10.28 11.76
C SER B 55 -8.39 10.05 10.26
N LYS B 56 -9.06 10.99 9.58
CA LYS B 56 -9.31 10.84 8.15
C LYS B 56 -8.05 11.20 7.36
N MET B 57 -7.26 12.14 7.85
CA MET B 57 -6.11 12.59 7.06
C MET B 57 -4.90 11.74 7.34
N GLY B 58 -4.89 11.09 8.51
CA GLY B 58 -3.80 10.19 8.90
C GLY B 58 -2.71 10.87 9.68
N TYR B 59 -2.81 12.19 9.86
CA TYR B 59 -1.80 12.92 10.64
C TYR B 59 -2.36 14.16 11.27
N SER B 60 -1.54 14.80 12.09
CA SER B 60 -2.06 16.00 12.72
C SER B 60 -1.00 17.07 12.70
N LEU B 61 -1.34 18.23 12.14
CA LEU B 61 -0.41 19.37 12.09
C LEU B 61 -0.20 19.99 13.48
N GLN B 62 -1.04 19.63 14.44
CA GLN B 62 -0.86 20.13 15.80
C GLN B 62 0.21 19.35 16.61
N GLU B 63 0.75 18.27 16.04
CA GLU B 63 1.79 17.48 16.73
C GLU B 63 3.19 18.08 16.51
N ARG B 64 4.11 17.84 17.47
CA ARG B 64 5.45 18.44 17.41
C ARG B 64 6.20 18.13 16.10
N GLY B 65 6.90 19.14 15.57
CA GLY B 65 7.65 18.96 14.34
C GLY B 65 6.77 19.02 13.08
N MET B 66 5.45 18.84 13.21
CA MET B 66 4.58 18.90 11.99
C MET B 66 4.43 20.30 11.33
N PRO B 67 4.35 21.39 12.14
CA PRO B 67 4.22 22.66 11.40
C PRO B 67 5.38 22.95 10.46
N LYS B 68 6.62 22.74 10.90
CA LYS B 68 7.77 23.01 10.00
C LYS B 68 7.80 22.11 8.74
N LEU B 69 7.36 20.86 8.93
CA LEU B 69 7.21 19.92 7.81
C LEU B 69 6.31 20.57 6.73
N GLN B 70 5.14 21.03 7.17
CA GLN B 70 4.18 21.68 6.22
C GLN B 70 4.81 22.92 5.65
N ARG B 71 5.47 23.70 6.51
CA ARG B 71 5.99 24.97 6.01
C ARG B 71 7.07 24.77 4.94
N LEU B 72 7.94 23.77 5.15
CA LEU B 72 9.03 23.55 4.18
C LEU B 72 8.49 22.89 2.90
N LEU B 73 7.51 21.99 3.06
CA LEU B 73 6.80 21.47 1.84
C LEU B 73 6.28 22.60 0.96
N GLN B 74 5.52 23.49 1.59
CA GLN B 74 5.02 24.69 0.90
C GLN B 74 6.09 25.52 0.18
N ARG B 75 7.12 25.86 0.92
CA ARG B 75 8.24 26.63 0.33
C ARG B 75 8.86 25.93 -0.89
N ASP B 76 9.15 24.64 -0.74
CA ASP B 76 9.76 23.90 -1.85
C ASP B 76 8.84 23.84 -3.04
N LEU B 77 7.54 23.65 -2.83
CA LEU B 77 6.63 23.65 -3.99
C LEU B 77 6.51 25.01 -4.64
N ALA B 78 6.23 26.03 -3.83
CA ALA B 78 5.87 27.32 -4.43
C ALA B 78 7.07 27.93 -5.16
N SER B 79 8.28 27.49 -4.81
CA SER B 79 9.46 28.10 -5.43
C SER B 79 9.82 27.52 -6.78
N GLU B 80 9.13 26.47 -7.22
CA GLU B 80 9.38 25.94 -8.56
C GLU B 80 8.87 26.90 -9.65
N ASP B 81 9.65 27.05 -10.71
CA ASP B 81 9.21 27.80 -11.86
C ASP B 81 7.91 27.25 -12.48
N GLY B 82 7.04 28.13 -12.97
CA GLY B 82 5.77 27.72 -13.57
C GLY B 82 4.64 27.42 -12.59
N VAL B 83 5.00 27.26 -11.32
CA VAL B 83 4.01 26.95 -10.28
C VAL B 83 3.58 28.23 -9.58
N GLU B 84 2.28 28.54 -9.59
CA GLU B 84 1.76 29.66 -8.77
C GLU B 84 0.68 29.06 -7.90
N VAL B 85 0.87 29.06 -6.60
CA VAL B 85 -0.09 28.36 -5.76
C VAL B 85 -0.35 29.24 -4.51
N ALA B 86 -1.59 29.28 -4.03
CA ALA B 86 -1.97 30.12 -2.87
C ALA B 86 -2.94 29.30 -2.05
N SER B 87 -2.74 29.30 -0.75
CA SER B 87 -3.73 28.79 0.19
C SER B 87 -4.08 29.88 1.20
N GLY B 88 -5.34 29.99 1.66
CA GLY B 88 -5.63 31.01 2.65
C GLY B 88 -6.91 30.72 3.41
N VAL B 89 -7.06 31.37 4.58
CA VAL B 89 -8.28 31.25 5.39
C VAL B 89 -8.91 32.64 5.31
N MET B 90 -10.16 32.72 4.83
CA MET B 90 -10.92 33.96 4.83
C MET B 90 -12.01 33.86 5.88
N VAL B 91 -12.00 34.79 6.83
CA VAL B 91 -12.93 34.64 7.96
C VAL B 91 -13.70 35.92 8.19
N ASP B 92 -14.98 35.83 8.55
CA ASP B 92 -15.76 37.05 8.74
C ASP B 92 -15.09 38.02 9.76
N ARG B 93 -15.02 39.29 9.42
CA ARG B 93 -14.31 40.25 10.27
C ARG B 93 -14.96 40.46 11.64
N LYS B 94 -16.21 40.04 11.82
CA LYS B 94 -16.84 40.16 13.15
C LYS B 94 -16.40 39.08 14.15
N ILE B 95 -15.78 38.02 13.66
CA ILE B 95 -15.39 36.92 14.52
C ILE B 95 -14.08 37.32 15.24
N ILE B 96 -14.09 37.22 16.57
CA ILE B 96 -12.92 37.56 17.39
C ILE B 96 -11.99 36.36 17.40
N LEU B 97 -10.79 36.52 16.84
CA LEU B 97 -9.88 35.40 16.59
C LEU B 97 -9.01 35.06 17.78
N GLU B 98 -8.80 33.77 18.03
CA GLU B 98 -7.91 33.37 19.15
C GLU B 98 -6.44 33.54 18.70
N LYS B 99 -5.56 34.04 19.57
CA LYS B 99 -4.15 34.19 19.20
C LYS B 99 -3.52 32.87 18.73
N VAL B 100 -3.93 31.74 19.32
CA VAL B 100 -3.30 30.43 18.98
C VAL B 100 -3.49 30.03 17.51
N PHE B 101 -4.63 30.40 16.94
CA PHE B 101 -4.89 30.08 15.53
C PHE B 101 -3.90 30.85 14.67
N ARG B 102 -3.74 32.12 15.04
CA ARG B 102 -2.91 33.05 14.28
C ARG B 102 -1.46 32.56 14.37
N ARG B 103 -1.10 32.12 15.57
CA ARG B 103 0.23 31.57 15.84
C ARG B 103 0.48 30.29 15.00
N SER B 104 -0.45 29.34 15.06
CA SER B 104 -0.28 28.09 14.25
C SER B 104 -0.21 28.27 12.74
N LEU B 105 -1.06 29.15 12.21
CA LEU B 105 -0.99 29.49 10.79
C LEU B 105 0.34 30.08 10.38
N SER B 106 0.92 30.89 11.26
CA SER B 106 2.25 31.45 10.98
C SER B 106 3.35 30.38 10.83
N LYS B 107 3.35 29.44 11.77
CA LYS B 107 4.37 28.40 11.90
C LYS B 107 4.22 27.39 10.76
N ALA B 108 2.99 26.96 10.51
CA ALA B 108 2.75 25.92 9.45
C ALA B 108 2.68 26.49 8.04
N PHE B 109 2.16 27.70 7.90
CA PHE B 109 1.83 28.18 6.57
C PHE B 109 2.42 29.49 6.20
N GLN B 110 3.12 30.11 7.17
CA GLN B 110 3.59 31.49 7.04
C GLN B 110 2.50 32.39 6.52
N SER B 111 1.33 32.28 7.14
CA SER B 111 0.24 33.07 6.58
C SER B 111 -0.64 33.56 7.74
N VAL B 112 -1.55 34.50 7.48
CA VAL B 112 -2.38 35.06 8.56
C VAL B 112 -3.81 34.83 8.14
N PRO B 113 -4.73 34.69 9.10
CA PRO B 113 -6.15 34.66 8.71
C PRO B 113 -6.54 35.98 8.03
N HIS B 114 -7.28 35.88 6.94
CA HIS B 114 -7.64 37.10 6.26
C HIS B 114 -9.06 37.53 6.56
N GLN B 115 -9.25 38.75 7.07
CA GLN B 115 -10.62 39.14 7.49
C GLN B 115 -11.37 39.74 6.30
N ILE B 116 -12.64 39.35 6.17
CA ILE B 116 -13.46 39.70 5.01
C ILE B 116 -14.84 40.12 5.51
N ASP B 117 -15.40 41.18 4.94
CA ASP B 117 -16.79 41.50 5.27
C ASP B 117 -17.78 40.63 4.46
N PHE B 118 -18.10 39.42 4.94
CA PHE B 118 -19.01 38.58 4.18
C PHE B 118 -20.45 39.12 4.12
N SER B 119 -20.83 40.10 4.95
CA SER B 119 -22.19 40.67 4.88
C SER B 119 -22.45 41.43 3.53
N GLN B 120 -21.39 41.74 2.78
CA GLN B 120 -21.50 42.31 1.45
C GLN B 120 -20.91 41.33 0.46
N PRO B 121 -21.68 40.31 0.07
CA PRO B 121 -21.18 39.20 -0.77
C PRO B 121 -20.45 39.62 -2.09
N GLU B 122 -20.95 40.61 -2.80
CA GLU B 122 -20.29 40.91 -4.10
C GLU B 122 -18.95 41.59 -3.88
N MET B 123 -18.87 42.45 -2.87
CA MET B 123 -17.60 43.02 -2.55
C MET B 123 -16.63 41.93 -2.00
N ALA B 124 -17.12 41.08 -1.09
CA ALA B 124 -16.29 40.00 -0.52
C ALA B 124 -15.68 39.18 -1.63
N ARG B 125 -16.51 38.89 -2.65
CA ARG B 125 -16.06 38.12 -3.81
C ARG B 125 -14.88 38.80 -4.50
N GLN B 126 -15.03 40.12 -4.77
CA GLN B 126 -13.96 40.82 -5.45
C GLN B 126 -12.68 40.93 -4.57
N VAL B 127 -12.86 41.07 -3.26
CA VAL B 127 -11.69 41.11 -2.38
C VAL B 127 -10.97 39.75 -2.40
N ILE B 128 -11.73 38.66 -2.34
CA ILE B 128 -11.06 37.35 -2.26
C ILE B 128 -10.37 37.07 -3.62
N ASN B 129 -11.03 37.49 -4.70
CA ASN B 129 -10.51 37.32 -6.05
C ASN B 129 -9.26 38.14 -6.25
N SER B 130 -9.23 39.36 -5.70
CA SER B 130 -8.03 40.17 -5.88
C SER B 130 -6.89 39.56 -5.09
N TRP B 131 -7.18 39.10 -3.87
CA TRP B 131 -6.13 38.50 -3.03
C TRP B 131 -5.61 37.22 -3.76
N THR B 132 -6.53 36.46 -4.32
CA THR B 132 -6.10 35.19 -4.95
C THR B 132 -5.28 35.50 -6.22
N SER B 133 -5.69 36.53 -6.95
CA SER B 133 -4.96 36.90 -8.14
C SER B 133 -3.54 37.33 -7.71
N ASP B 134 -3.44 38.17 -6.66
CA ASP B 134 -2.11 38.67 -6.21
C ASP B 134 -1.18 37.51 -5.82
N HIS B 135 -1.75 36.53 -5.16
CA HIS B 135 -0.98 35.38 -4.67
C HIS B 135 -0.77 34.23 -5.72
N THR B 136 -1.26 34.40 -6.94
CA THR B 136 -0.94 33.43 -8.02
C THR B 136 -0.26 34.19 -9.15
N ASP B 137 0.30 35.35 -8.83
CA ASP B 137 0.96 36.19 -9.83
C ASP B 137 0.03 36.53 -10.98
N GLY B 138 -1.25 36.74 -10.67
CA GLY B 138 -2.24 37.09 -11.64
C GLY B 138 -2.76 35.93 -12.50
N MET B 139 -2.32 34.69 -12.22
CA MET B 139 -2.65 33.55 -13.13
C MET B 139 -4.06 33.05 -12.88
N ILE B 140 -4.55 33.24 -11.64
CA ILE B 140 -5.95 32.96 -11.35
C ILE B 140 -6.65 34.27 -10.99
N SER B 141 -7.20 34.97 -11.98
CA SER B 141 -7.61 36.38 -11.76
C SER B 141 -9.05 36.58 -11.25
N GLU B 142 -9.86 35.54 -11.41
CA GLU B 142 -11.23 35.60 -10.91
C GLU B 142 -11.67 34.26 -10.31
N PHE B 143 -11.12 33.94 -9.14
CA PHE B 143 -11.29 32.66 -8.45
C PHE B 143 -12.76 32.22 -8.29
N LEU B 144 -13.56 33.09 -7.68
CA LEU B 144 -14.95 32.83 -7.36
C LEU B 144 -15.83 33.53 -8.38
N PRO B 145 -16.83 32.79 -8.92
CA PRO B 145 -17.86 33.47 -9.73
C PRO B 145 -18.95 34.05 -8.81
N SER B 146 -19.87 34.86 -9.33
CA SER B 146 -20.99 35.30 -8.49
C SER B 146 -21.85 34.12 -8.07
N GLY B 147 -22.54 34.28 -6.94
CA GLY B 147 -23.50 33.27 -6.50
C GLY B 147 -22.92 32.13 -5.67
N VAL B 148 -21.64 32.24 -5.33
CA VAL B 148 -21.08 31.30 -4.37
C VAL B 148 -21.21 31.84 -2.94
N LEU B 149 -20.69 33.04 -2.71
CA LEU B 149 -20.73 33.56 -1.35
C LEU B 149 -22.13 34.05 -1.06
N SER B 150 -22.53 34.02 0.20
CA SER B 150 -23.79 34.66 0.58
C SER B 150 -23.54 35.39 1.86
N GLU B 151 -24.54 36.14 2.31
CA GLU B 151 -24.42 36.85 3.58
C GLU B 151 -24.38 35.88 4.80
N LEU B 152 -24.56 34.60 4.55
CA LEU B 152 -24.39 33.63 5.65
C LEU B 152 -22.95 33.03 5.70
N THR B 153 -22.13 33.35 4.72
CA THR B 153 -20.78 32.80 4.68
C THR B 153 -19.99 33.37 5.86
N ARG B 154 -19.22 32.52 6.59
CA ARG B 154 -18.37 33.01 7.67
C ARG B 154 -16.91 32.57 7.67
N LEU B 155 -16.65 31.40 7.13
CA LEU B 155 -15.31 30.84 7.22
C LEU B 155 -15.08 30.02 5.98
N VAL B 156 -14.12 30.46 5.18
CA VAL B 156 -13.76 29.83 3.92
C VAL B 156 -12.27 29.48 3.85
N PHE B 157 -11.97 28.25 3.41
CA PHE B 157 -10.59 27.79 3.19
C PHE B 157 -10.48 27.65 1.72
N LEU B 158 -9.45 28.27 1.15
CA LEU B 158 -9.34 28.24 -0.29
C LEU B 158 -7.94 27.95 -0.76
N ASN B 159 -7.86 27.27 -1.90
CA ASN B 159 -6.60 26.92 -2.52
C ASN B 159 -6.72 27.10 -3.98
N ALA B 160 -5.67 27.71 -4.54
CA ALA B 160 -5.69 28.03 -5.96
C ALA B 160 -4.35 27.62 -6.51
N LEU B 161 -4.36 27.08 -7.73
CA LEU B 161 -3.10 26.63 -8.32
C LEU B 161 -3.11 26.81 -9.81
N HIS B 162 -2.09 27.48 -10.31
CA HIS B 162 -1.86 27.50 -11.75
C HIS B 162 -0.53 26.83 -12.12
N PHE B 163 -0.55 26.03 -13.20
CA PHE B 163 0.73 25.44 -13.62
C PHE B 163 0.85 25.37 -15.11
N HIS B 164 1.98 25.86 -15.61
CA HIS B 164 2.35 25.57 -17.00
C HIS B 164 3.88 25.42 -17.03
N GLY B 165 4.38 24.23 -17.35
CA GLY B 165 5.81 23.96 -17.28
C GLY B 165 6.39 23.95 -18.68
N VAL B 166 7.69 24.08 -18.79
CA VAL B 166 8.42 23.98 -20.05
C VAL B 166 8.94 22.53 -20.08
N TRP B 167 8.62 21.77 -21.14
CA TRP B 167 9.12 20.39 -21.21
C TRP B 167 10.64 20.40 -21.32
N LYS B 168 11.29 19.32 -20.84
CA LYS B 168 12.73 19.17 -21.02
C LYS B 168 13.04 19.08 -22.52
N THR B 169 12.09 18.55 -23.29
CA THR B 169 12.26 18.48 -24.71
C THR B 169 11.00 18.98 -25.36
N PRO B 170 11.12 20.04 -26.21
CA PRO B 170 9.96 20.59 -26.92
C PRO B 170 9.31 19.58 -27.85
N PHE B 171 8.00 19.69 -28.01
CA PHE B 171 7.33 19.12 -29.14
C PHE B 171 7.51 20.08 -30.32
N ASP B 172 7.72 19.54 -31.52
CA ASP B 172 7.73 20.38 -32.72
C ASP B 172 6.27 20.60 -33.15
N PRO B 173 5.83 21.87 -33.17
CA PRO B 173 4.44 22.14 -33.53
C PRO B 173 4.12 21.67 -34.94
N ARG B 174 5.13 21.41 -35.78
CA ARG B 174 4.80 20.88 -37.10
C ARG B 174 4.29 19.44 -37.05
N ASN B 175 4.72 18.69 -36.03
CA ASN B 175 4.18 17.34 -35.80
C ASN B 175 2.84 17.35 -35.09
N THR B 176 2.33 18.53 -34.77
CA THR B 176 1.01 18.58 -34.12
C THR B 176 -0.03 18.62 -35.19
N ARG B 177 -1.01 17.73 -35.07
CA ARG B 177 -2.05 17.73 -36.10
C ARG B 177 -3.36 17.27 -35.52
N GLU B 178 -4.43 17.55 -36.24
CA GLU B 178 -5.75 17.19 -35.76
C GLU B 178 -5.88 15.69 -35.89
N GLN B 179 -6.35 15.04 -34.83
CA GLN B 179 -6.58 13.59 -34.80
C GLN B 179 -7.77 13.32 -33.93
N LEU B 180 -8.44 12.20 -34.15
CA LEU B 180 -9.63 11.85 -33.37
C LEU B 180 -9.33 11.29 -31.94
N PHE B 181 -10.09 11.81 -30.98
CA PHE B 181 -9.98 11.35 -29.60
C PHE B 181 -11.33 10.68 -29.31
N HIS B 182 -11.30 9.43 -28.87
CA HIS B 182 -12.53 8.72 -28.62
C HIS B 182 -12.91 8.81 -27.16
N THR B 183 -14.09 9.36 -26.93
CA THR B 183 -14.66 9.47 -25.59
C THR B 183 -15.30 8.14 -25.08
N VAL B 184 -15.94 8.16 -23.90
CA VAL B 184 -16.46 6.91 -23.32
C VAL B 184 -17.71 6.41 -24.08
N ASN B 185 -18.25 7.29 -24.92
CA ASN B 185 -19.42 7.02 -25.75
C ASN B 185 -19.39 5.83 -26.73
N GLY B 186 -18.42 5.74 -27.63
CA GLY B 186 -17.42 6.77 -27.83
C GLY B 186 -17.70 7.59 -29.08
N SER B 187 -18.16 8.81 -28.90
CA SER B 187 -18.10 9.78 -29.97
C SER B 187 -16.62 9.99 -30.25
N ALA B 188 -16.30 10.57 -31.38
CA ALA B 188 -14.95 11.03 -31.59
C ALA B 188 -14.98 12.56 -31.66
N VAL B 189 -13.98 13.21 -31.09
CA VAL B 189 -13.88 14.63 -31.28
C VAL B 189 -12.50 14.86 -31.82
N SER B 190 -12.36 15.92 -32.58
CA SER B 190 -11.09 16.16 -33.23
C SER B 190 -10.27 17.06 -32.33
N VAL B 191 -9.03 16.66 -32.04
CA VAL B 191 -8.23 17.42 -31.07
C VAL B 191 -6.87 17.69 -31.70
N PRO B 192 -6.21 18.77 -31.28
CA PRO B 192 -4.83 18.95 -31.75
C PRO B 192 -3.88 17.93 -31.05
N MET B 193 -3.29 16.99 -31.79
CA MET B 193 -2.51 15.90 -31.19
C MET B 193 -1.02 16.16 -31.36
N MET B 194 -0.32 16.38 -30.25
CA MET B 194 1.12 16.65 -30.32
C MET B 194 1.87 15.34 -30.32
N THR B 195 3.09 15.32 -30.87
CA THR B 195 3.86 14.08 -30.97
C THR B 195 5.36 14.28 -30.87
N THR B 196 6.01 13.37 -30.15
CA THR B 196 7.46 13.42 -30.02
C THR B 196 7.95 11.99 -29.84
N THR B 197 9.19 11.69 -30.24
CA THR B 197 9.75 10.35 -30.04
C THR B 197 11.00 10.49 -29.19
N GLN B 198 11.05 9.85 -28.03
CA GLN B 198 12.25 9.93 -27.21
C GLN B 198 12.37 8.65 -26.47
N LYS B 199 13.44 8.54 -25.72
CA LYS B 199 13.52 7.54 -24.67
C LYS B 199 12.76 8.05 -23.42
N PHE B 200 11.61 7.41 -23.16
CA PHE B 200 10.72 7.80 -22.06
C PHE B 200 10.71 6.77 -20.99
N ASN B 201 10.74 7.22 -19.73
CA ASN B 201 10.56 6.31 -18.59
C ASN B 201 9.13 5.72 -18.71
N TYR B 202 9.06 4.38 -18.69
CA TYR B 202 7.86 3.69 -19.10
C TYR B 202 7.71 2.38 -18.31
N GLY B 203 6.47 2.00 -17.98
CA GLY B 203 6.21 0.71 -17.34
C GLY B 203 4.85 0.18 -17.73
N GLU B 204 4.71 -1.14 -17.57
CA GLU B 204 3.43 -1.80 -17.79
C GLU B 204 3.04 -2.57 -16.55
N PHE B 205 1.76 -2.44 -16.20
CA PHE B 205 1.32 -2.91 -14.90
C PHE B 205 -0.04 -3.62 -14.99
N VAL B 206 -0.47 -4.23 -13.88
CA VAL B 206 -1.75 -4.88 -13.87
C VAL B 206 -2.49 -4.29 -12.72
N SER B 207 -3.75 -3.83 -12.94
CA SER B 207 -4.56 -3.25 -11.87
C SER B 207 -4.88 -4.33 -10.83
N LYS B 208 -5.39 -3.90 -9.68
CA LYS B 208 -5.85 -4.84 -8.64
C LYS B 208 -6.85 -5.81 -9.22
N ASP B 209 -7.63 -5.35 -10.19
CA ASP B 209 -8.63 -6.21 -10.87
C ASP B 209 -8.15 -6.95 -12.13
N GLY B 210 -6.86 -6.95 -12.41
CA GLY B 210 -6.40 -7.73 -13.53
C GLY B 210 -6.40 -7.02 -14.88
N VAL B 211 -6.53 -5.68 -14.87
CA VAL B 211 -6.55 -4.91 -16.13
C VAL B 211 -5.14 -4.50 -16.45
N ASP B 212 -4.63 -4.85 -17.61
CA ASP B 212 -3.35 -4.27 -18.07
C ASP B 212 -3.40 -2.73 -18.31
N TYR B 213 -2.41 -2.03 -17.78
CA TYR B 213 -2.33 -0.59 -18.07
C TYR B 213 -0.88 -0.18 -18.19
N ASP B 214 -0.66 1.03 -18.75
CA ASP B 214 0.69 1.53 -18.99
C ASP B 214 0.84 2.87 -18.25
N VAL B 215 2.07 3.13 -17.86
CA VAL B 215 2.44 4.43 -17.29
C VAL B 215 3.64 4.96 -18.05
N ILE B 216 3.51 6.19 -18.53
CA ILE B 216 4.64 6.87 -19.12
C ILE B 216 4.90 8.26 -18.44
N GLU B 217 6.18 8.57 -18.29
CA GLU B 217 6.58 9.77 -17.52
C GLU B 217 7.23 10.79 -18.47
N MET B 218 6.76 12.04 -18.42
CA MET B 218 7.35 13.08 -19.28
C MET B 218 7.97 14.18 -18.34
N PRO B 219 9.27 14.41 -18.46
CA PRO B 219 9.91 15.33 -17.51
C PRO B 219 9.82 16.79 -18.01
N TYR B 220 9.61 17.71 -17.06
CA TYR B 220 9.69 19.14 -17.40
C TYR B 220 11.16 19.57 -17.27
N GLU B 221 11.49 20.72 -17.84
CA GLU B 221 12.85 21.24 -17.77
C GLU B 221 13.41 21.31 -16.34
N GLY B 222 14.62 20.76 -16.13
CA GLY B 222 15.21 20.70 -14.79
C GLY B 222 14.96 19.39 -14.08
N GLU B 223 13.96 18.63 -14.56
CA GLU B 223 13.59 17.34 -14.00
C GLU B 223 13.17 17.33 -12.52
N SER B 224 12.71 18.46 -12.00
CA SER B 224 12.24 18.49 -10.62
C SER B 224 10.74 18.17 -10.58
N ILE B 225 10.07 18.31 -11.74
CA ILE B 225 8.63 18.05 -11.85
C ILE B 225 8.46 17.21 -13.15
N SER B 226 7.63 16.17 -13.07
CA SER B 226 7.29 15.37 -14.27
C SER B 226 5.78 15.11 -14.35
N MET B 227 5.33 14.75 -15.53
CA MET B 227 3.94 14.39 -15.67
C MET B 227 3.89 12.86 -15.91
N LEU B 228 3.02 12.16 -15.17
CA LEU B 228 2.82 10.70 -15.35
C LEU B 228 1.46 10.49 -16.04
N LEU B 229 1.39 9.71 -17.12
CA LEU B 229 0.13 9.52 -17.86
C LEU B 229 -0.21 8.02 -17.75
N VAL B 230 -1.45 7.70 -17.40
CA VAL B 230 -1.81 6.36 -16.98
C VAL B 230 -3.01 6.01 -17.83
N THR B 231 -2.98 4.85 -18.51
CA THR B 231 -4.09 4.52 -19.43
C THR B 231 -4.16 2.98 -19.62
N PRO B 232 -5.37 2.46 -19.81
CA PRO B 232 -5.50 1.03 -20.08
C PRO B 232 -4.70 0.59 -21.33
N PHE B 233 -4.13 -0.61 -21.28
CA PHE B 233 -3.33 -1.12 -22.40
C PHE B 233 -4.23 -1.40 -23.60
N GLU B 234 -5.45 -1.91 -23.34
CA GLU B 234 -6.41 -2.19 -24.42
C GLU B 234 -7.30 -0.99 -24.66
N LYS B 235 -7.36 -0.55 -25.93
CA LYS B 235 -8.14 0.63 -26.33
C LYS B 235 -9.61 0.63 -25.97
N ASP B 236 -10.22 -0.55 -25.91
CA ASP B 236 -11.65 -0.64 -25.60
C ASP B 236 -11.95 -0.79 -24.10
N VAL B 237 -10.91 -0.84 -23.27
CA VAL B 237 -11.15 -0.88 -21.83
C VAL B 237 -11.31 0.57 -21.34
N PRO B 238 -12.40 0.87 -20.59
CA PRO B 238 -12.63 2.26 -20.16
C PRO B 238 -11.68 2.65 -19.00
N LEU B 239 -11.40 3.94 -18.88
CA LEU B 239 -10.46 4.41 -17.88
C LEU B 239 -10.92 4.06 -16.49
N SER B 240 -12.23 3.93 -16.33
CA SER B 240 -12.80 3.68 -15.01
C SER B 240 -12.42 2.28 -14.48
N ALA B 241 -11.99 1.40 -15.38
CA ALA B 241 -11.46 0.10 -14.97
C ALA B 241 -10.25 0.37 -14.08
N LEU B 242 -9.67 1.57 -14.20
CA LEU B 242 -8.45 1.87 -13.40
C LEU B 242 -8.80 2.72 -12.18
N ASN B 243 -10.10 2.82 -11.87
CA ASN B 243 -10.50 3.56 -10.64
C ASN B 243 -9.89 2.86 -9.42
N LYS B 244 -9.46 3.65 -8.46
CA LYS B 244 -8.84 3.12 -7.22
C LYS B 244 -7.46 2.48 -7.46
N GLU B 245 -6.92 2.67 -8.67
CA GLU B 245 -5.54 2.27 -8.88
C GLU B 245 -4.51 3.34 -8.37
N LEU B 246 -4.92 4.62 -8.28
CA LEU B 246 -4.00 5.71 -7.87
C LEU B 246 -3.71 5.71 -6.36
N SER B 247 -2.45 5.51 -5.94
CA SER B 247 -2.12 5.62 -4.52
C SER B 247 -0.66 5.96 -4.43
N SER B 248 -0.22 6.46 -3.28
CA SER B 248 1.20 6.87 -3.21
C SER B 248 2.05 5.60 -3.27
N SER B 249 1.59 4.51 -2.63
CA SER B 249 2.36 3.25 -2.70
C SER B 249 2.45 2.70 -4.15
N ARG B 250 1.34 2.78 -4.89
CA ARG B 250 1.41 2.40 -6.29
C ARG B 250 2.36 3.28 -7.12
N ILE B 251 2.30 4.59 -6.89
CA ILE B 251 3.19 5.51 -7.59
C ILE B 251 4.69 5.17 -7.29
N HIS B 252 4.98 4.85 -6.04
CA HIS B 252 6.38 4.43 -5.69
C HIS B 252 6.74 3.16 -6.46
N GLN B 253 5.81 2.22 -6.46
CA GLN B 253 6.05 0.94 -7.18
C GLN B 253 6.25 1.19 -8.68
N TRP B 254 5.50 2.12 -9.28
CA TRP B 254 5.79 2.47 -10.67
C TRP B 254 7.23 2.88 -10.82
N ARG B 255 7.67 3.83 -9.99
CA ARG B 255 9.01 4.39 -10.16
C ARG B 255 10.09 3.30 -10.10
N GLN B 256 9.91 2.34 -9.19
CA GLN B 256 10.81 1.18 -9.07
C GLN B 256 10.89 0.32 -10.36
N GLU B 257 9.74 0.09 -11.01
CA GLU B 257 9.68 -0.81 -12.19
C GLU B 257 9.92 -0.12 -13.54
N MET B 258 9.65 1.18 -13.66
CA MET B 258 9.70 1.82 -14.96
C MET B 258 11.12 1.93 -15.47
N ARG B 259 11.26 1.91 -16.80
CA ARG B 259 12.58 2.00 -17.45
C ARG B 259 12.48 2.86 -18.70
N LYS B 260 13.59 3.49 -19.07
CA LYS B 260 13.59 4.31 -20.27
C LYS B 260 13.65 3.46 -21.54
N ILE B 261 12.70 3.70 -22.42
CA ILE B 261 12.48 2.87 -23.59
C ILE B 261 12.02 3.82 -24.70
N SER B 262 12.38 3.57 -25.96
CA SER B 262 11.95 4.46 -27.04
C SER B 262 10.46 4.38 -27.34
N LYS B 263 9.77 5.50 -27.22
CA LYS B 263 8.33 5.55 -27.52
C LYS B 263 8.06 6.75 -28.34
N GLN B 264 7.07 6.63 -29.21
CA GLN B 264 6.54 7.77 -29.93
C GLN B 264 5.29 8.13 -29.16
N LEU B 265 5.38 9.17 -28.33
CA LEU B 265 4.23 9.59 -27.53
C LEU B 265 3.37 10.62 -28.28
N SER B 266 2.06 10.40 -28.38
CA SER B 266 1.14 11.43 -28.83
C SER B 266 0.10 11.77 -27.76
N ILE B 267 -0.17 13.06 -27.56
CA ILE B 267 -0.97 13.50 -26.44
C ILE B 267 -1.61 14.78 -26.90
N PRO B 268 -2.91 14.96 -26.62
CA PRO B 268 -3.60 16.19 -27.01
C PRO B 268 -2.97 17.42 -26.35
N ARG B 269 -2.88 18.51 -27.11
CA ARG B 269 -2.70 19.86 -26.54
C ARG B 269 -4.00 20.17 -25.78
N PHE B 270 -3.89 20.44 -24.47
CA PHE B 270 -5.12 20.66 -23.75
C PHE B 270 -4.88 21.57 -22.54
N SER B 271 -5.96 22.22 -22.10
CA SER B 271 -5.93 23.04 -20.89
C SER B 271 -7.04 22.59 -20.05
N MET B 272 -6.97 22.84 -18.75
CA MET B 272 -8.07 22.43 -17.89
C MET B 272 -8.20 23.48 -16.78
N ASP B 273 -9.43 23.77 -16.38
CA ASP B 273 -9.65 24.78 -15.35
C ASP B 273 -10.79 24.21 -14.54
N THR B 274 -10.46 23.67 -13.36
CA THR B 274 -11.46 23.00 -12.58
C THR B 274 -11.79 23.80 -11.30
N GLU B 275 -13.06 24.10 -11.07
CA GLU B 275 -13.43 24.71 -9.77
C GLU B 275 -14.18 23.67 -8.98
N ILE B 276 -14.00 23.62 -7.67
CA ILE B 276 -14.77 22.64 -6.91
C ILE B 276 -14.99 23.09 -5.49
N ASP B 277 -16.22 22.89 -5.00
CA ASP B 277 -16.48 23.15 -3.60
C ASP B 277 -16.39 21.75 -3.04
N LEU B 278 -15.42 21.55 -2.16
CA LEU B 278 -15.14 20.22 -1.64
C LEU B 278 -16.06 19.72 -0.53
N LYS B 279 -17.04 20.53 -0.14
CA LYS B 279 -17.99 20.09 0.89
C LYS B 279 -18.59 18.68 0.63
N SER B 280 -19.09 18.48 -0.58
CA SER B 280 -19.78 17.22 -0.89
C SER B 280 -18.86 16.03 -0.79
N THR B 281 -17.71 16.16 -1.45
CA THR B 281 -16.72 15.11 -1.46
C THR B 281 -16.23 14.79 -0.05
N LEU B 282 -15.87 15.84 0.71
CA LEU B 282 -15.34 15.62 2.07
C LEU B 282 -16.40 15.04 2.97
N SER B 283 -17.69 15.41 2.74
CA SER B 283 -18.72 14.86 3.61
C SER B 283 -18.90 13.37 3.28
N ARG B 284 -18.73 13.03 1.99
CA ARG B 284 -18.78 11.62 1.60
C ARG B 284 -17.62 10.88 2.24
N MET B 285 -16.52 11.58 2.54
CA MET B 285 -15.44 10.87 3.23
C MET B 285 -15.54 10.89 4.74
N GLY B 286 -16.72 11.26 5.24
CA GLY B 286 -16.90 11.23 6.68
C GLY B 286 -16.51 12.50 7.41
N LEU B 287 -16.33 13.63 6.69
CA LEU B 287 -15.91 14.89 7.38
C LEU B 287 -17.02 15.96 7.41
N GLY B 288 -18.27 15.46 7.28
CA GLY B 288 -19.47 16.28 7.27
C GLY B 288 -19.52 17.21 8.47
N ASP B 289 -19.09 16.68 9.60
CA ASP B 289 -19.23 17.41 10.87
C ASP B 289 -18.47 18.71 10.87
N ILE B 290 -17.45 18.89 10.00
CA ILE B 290 -16.74 20.20 10.10
C ILE B 290 -17.60 21.33 9.57
N PHE B 291 -18.65 20.95 8.85
CA PHE B 291 -19.54 21.93 8.25
C PHE B 291 -20.79 22.12 9.11
N SER B 292 -20.86 21.41 10.25
CA SER B 292 -22.07 21.43 11.07
C SER B 292 -22.00 22.47 12.19
N GLN B 293 -23.00 23.34 12.22
CA GLN B 293 -23.08 24.42 13.20
C GLN B 293 -23.05 23.83 14.64
N SER B 294 -23.73 22.73 14.84
CA SER B 294 -23.79 22.22 16.21
C SER B 294 -22.71 21.16 16.53
N ARG B 295 -22.12 20.55 15.50
CA ARG B 295 -21.15 19.46 15.78
C ARG B 295 -19.70 19.90 15.55
N ALA B 296 -19.46 21.10 14.99
CA ALA B 296 -18.06 21.45 14.63
C ALA B 296 -17.45 22.15 15.84
N ASP B 297 -16.18 21.87 16.10
CA ASP B 297 -15.46 22.53 17.22
C ASP B 297 -14.21 23.19 16.62
N PHE B 298 -14.30 24.49 16.37
CA PHE B 298 -13.15 25.29 15.96
C PHE B 298 -12.86 26.30 17.06
N SER B 299 -12.86 25.80 18.30
CA SER B 299 -12.55 26.59 19.50
C SER B 299 -11.22 27.29 19.44
N ARG B 300 -10.28 26.80 18.59
CA ARG B 300 -8.99 27.46 18.43
C ARG B 300 -9.04 28.65 17.48
N ILE B 301 -10.10 28.73 16.68
CA ILE B 301 -10.32 29.95 15.92
C ILE B 301 -11.06 30.98 16.77
N THR B 302 -12.18 30.58 17.39
CA THR B 302 -12.91 31.47 18.30
C THR B 302 -13.57 30.67 19.40
N THR B 303 -13.65 31.26 20.59
CA THR B 303 -14.26 30.59 21.74
C THR B 303 -15.59 31.29 22.07
N GLU B 304 -15.81 32.41 21.39
CA GLU B 304 -16.90 33.33 21.80
C GLU B 304 -18.29 32.90 21.32
N GLU B 305 -18.32 32.07 20.26
CA GLU B 305 -19.55 31.70 19.62
C GLU B 305 -19.31 30.39 18.86
N PRO B 306 -20.39 29.71 18.49
CA PRO B 306 -20.25 28.55 17.61
C PRO B 306 -19.74 28.97 16.23
N LEU B 307 -18.96 28.09 15.58
CA LEU B 307 -18.43 28.39 14.24
C LEU B 307 -18.19 27.11 13.47
N CYS B 308 -18.71 26.98 12.25
CA CYS B 308 -18.31 25.82 11.47
C CYS B 308 -17.75 26.31 10.13
N VAL B 309 -17.18 25.39 9.38
CA VAL B 309 -16.65 25.76 8.06
C VAL B 309 -17.81 26.04 7.12
N SER B 310 -17.81 27.21 6.49
CA SER B 310 -18.77 27.48 5.39
C SER B 310 -18.45 26.75 4.07
N LYS B 311 -17.23 26.94 3.58
CA LYS B 311 -16.86 26.38 2.29
C LYS B 311 -15.38 25.97 2.34
N VAL B 312 -15.06 24.94 1.56
CA VAL B 312 -13.68 24.62 1.24
C VAL B 312 -13.60 24.56 -0.26
N LEU B 313 -12.83 25.49 -0.82
CA LEU B 313 -12.86 25.73 -2.26
C LEU B 313 -11.49 25.49 -2.88
N GLN B 314 -11.48 24.82 -4.02
CA GLN B 314 -10.26 24.75 -4.81
C GLN B 314 -10.50 25.06 -6.26
N ARG B 315 -9.53 25.76 -6.85
CA ARG B 315 -9.55 26.00 -8.30
C ARG B 315 -8.18 25.73 -8.82
N VAL B 316 -8.09 24.87 -9.85
CA VAL B 316 -6.78 24.63 -10.48
C VAL B 316 -6.81 24.78 -11.95
N LYS B 317 -5.67 25.18 -12.50
CA LYS B 317 -5.62 25.49 -13.93
C LYS B 317 -4.29 24.96 -14.46
N LEU B 318 -4.36 24.16 -15.53
CA LEU B 318 -3.19 23.55 -16.13
C LEU B 318 -3.19 23.84 -17.65
N GLU B 319 -2.03 24.12 -18.22
CA GLU B 319 -1.90 24.18 -19.67
C GLU B 319 -0.82 23.21 -20.05
N VAL B 320 -1.14 22.41 -21.07
CA VAL B 320 -0.21 21.43 -21.60
C VAL B 320 -0.06 21.74 -23.08
N ASN B 321 1.15 22.04 -23.54
CA ASN B 321 1.28 22.37 -24.96
C ASN B 321 2.71 22.06 -25.37
N GLU B 322 3.14 22.58 -26.52
CA GLU B 322 4.36 22.09 -27.16
C GLU B 322 5.62 22.59 -26.45
N GLU B 323 5.49 23.75 -25.79
CA GLU B 323 6.68 24.46 -25.32
C GLU B 323 7.72 23.64 -24.48
N GLY B 324 8.97 23.62 -24.97
CA GLY B 324 10.07 22.99 -24.26
C GLY B 324 11.31 23.90 -24.20
N THR B 325 12.41 23.40 -23.63
CA THR B 325 13.63 24.23 -23.44
C THR B 325 14.11 24.97 -24.69
N LYS B 326 14.49 26.24 -24.50
CA LYS B 326 14.78 27.14 -25.63
C LYS B 326 15.98 26.71 -26.48
N GLY B 327 16.74 25.69 -26.04
CA GLY B 327 17.67 24.98 -26.92
C GLY B 327 17.07 24.62 -28.27
N SER B 328 17.78 25.01 -29.35
CA SER B 328 17.27 25.02 -30.74
C SER B 328 16.40 23.84 -31.20
N SER B 337 20.19 5.50 -32.01
CA SER B 337 19.08 5.43 -32.97
C SER B 337 18.92 4.00 -33.51
N ARG B 338 19.23 3.01 -32.67
CA ARG B 338 19.30 1.60 -33.08
C ARG B 338 17.96 0.84 -33.05
N MET B 339 17.24 1.02 -31.95
CA MET B 339 16.22 0.07 -31.53
C MET B 339 14.81 0.33 -32.10
N ALA B 340 13.99 -0.71 -32.03
CA ALA B 340 12.55 -0.61 -32.23
C ALA B 340 11.90 0.52 -31.41
N VAL B 341 10.95 1.20 -32.03
CA VAL B 341 10.15 2.21 -31.36
C VAL B 341 8.69 1.74 -31.28
N GLU B 342 8.07 1.90 -30.10
CA GLU B 342 6.64 1.62 -29.97
C GLU B 342 5.75 2.85 -29.78
N GLU B 343 4.49 2.70 -30.16
CA GLU B 343 3.56 3.81 -30.31
C GLU B 343 2.82 3.89 -28.99
N ILE B 344 2.64 5.11 -28.47
CA ILE B 344 1.72 5.29 -27.36
C ILE B 344 0.94 6.55 -27.68
N THR B 345 -0.31 6.36 -28.06
CA THR B 345 -1.17 7.45 -28.54
C THR B 345 -2.34 7.64 -27.59
N LEU B 346 -2.40 8.79 -26.91
CA LEU B 346 -3.49 9.03 -25.94
C LEU B 346 -4.72 9.58 -26.65
N ASP B 347 -5.44 8.74 -27.39
CA ASP B 347 -6.64 9.22 -28.10
C ASP B 347 -7.87 8.61 -27.45
N ARG B 348 -7.73 8.29 -26.17
CA ARG B 348 -8.88 7.92 -25.34
C ARG B 348 -8.57 8.42 -23.91
N PRO B 349 -9.58 8.44 -23.05
CA PRO B 349 -9.33 9.07 -21.73
C PRO B 349 -8.19 8.43 -20.91
N PHE B 350 -7.49 9.28 -20.15
CA PHE B 350 -6.32 8.86 -19.44
C PHE B 350 -6.23 9.71 -18.15
N PHE B 351 -5.53 9.20 -17.15
CA PHE B 351 -5.24 9.99 -15.92
C PHE B 351 -3.96 10.73 -16.14
N PHE B 352 -3.80 11.91 -15.52
CA PHE B 352 -2.48 12.51 -15.53
C PHE B 352 -2.17 12.91 -14.10
N LEU B 353 -0.93 12.73 -13.70
CA LEU B 353 -0.48 13.10 -12.36
C LEU B 353 0.67 14.04 -12.60
N ILE B 354 0.73 15.14 -11.84
CA ILE B 354 1.92 15.98 -11.95
C ILE B 354 2.66 15.96 -10.62
N GLN B 355 3.92 15.52 -10.65
CA GLN B 355 4.53 15.18 -9.42
C GLN B 355 5.82 15.99 -9.20
N HIS B 356 6.04 16.45 -7.99
CA HIS B 356 7.27 17.19 -7.68
C HIS B 356 8.25 16.16 -7.16
N LYS B 357 9.33 15.90 -7.91
CA LYS B 357 10.23 14.83 -7.43
C LYS B 357 10.91 15.00 -6.06
N PRO B 358 11.49 16.18 -5.73
CA PRO B 358 12.19 16.30 -4.44
C PRO B 358 11.31 15.96 -3.23
N THR B 359 10.07 16.44 -3.24
CA THR B 359 9.20 16.18 -2.08
C THR B 359 8.31 14.94 -2.27
N GLY B 360 8.10 14.53 -3.53
CA GLY B 360 7.11 13.49 -3.82
C GLY B 360 5.63 13.99 -3.86
N ALA B 361 5.38 15.28 -3.57
CA ALA B 361 4.01 15.78 -3.61
C ALA B 361 3.36 15.73 -5.03
N LEU B 362 2.04 15.58 -5.08
CA LEU B 362 1.33 15.73 -6.36
C LEU B 362 0.76 17.11 -6.46
N LEU B 363 1.23 17.86 -7.43
CA LEU B 363 0.61 19.14 -7.80
C LEU B 363 -0.78 18.93 -8.43
N PHE B 364 -0.94 17.86 -9.25
CA PHE B 364 -2.23 17.69 -9.94
C PHE B 364 -2.49 16.21 -9.97
N SER B 365 -3.79 15.85 -9.88
CA SER B 365 -4.24 14.54 -10.34
C SER B 365 -5.50 14.86 -11.14
N GLY B 366 -5.57 14.37 -12.38
CA GLY B 366 -6.74 14.68 -13.17
C GLY B 366 -7.04 13.52 -14.14
N GLN B 367 -8.22 13.61 -14.77
CA GLN B 367 -8.56 12.78 -15.95
C GLN B 367 -8.99 13.70 -17.09
N LEU B 368 -8.49 13.42 -18.30
CA LEU B 368 -8.97 14.08 -19.49
C LEU B 368 -9.87 13.08 -20.24
N THR B 369 -11.16 13.38 -20.30
CA THR B 369 -12.13 12.43 -20.80
C THR B 369 -12.87 12.96 -21.99
N GLN B 370 -12.98 14.28 -22.05
CA GLN B 370 -13.83 14.93 -23.06
C GLN B 370 -13.14 16.25 -23.38
N PRO B 371 -12.07 16.20 -24.20
CA PRO B 371 -11.19 17.34 -24.55
C PRO B 371 -11.87 18.36 -25.49
N GLN B 372 -13.17 18.16 -25.64
CA GLN B 372 -13.95 18.67 -26.76
C GLN B 372 -14.01 20.19 -26.85
C1 NAG C . -4.87 3.97 18.39
C2 NAG C . -5.65 2.65 18.42
C3 NAG C . -7.16 2.92 18.26
C4 NAG C . -7.60 3.85 19.39
C5 NAG C . -6.86 5.18 19.27
C6 NAG C . -6.21 5.65 20.56
C7 NAG C . -4.39 0.67 17.62
C8 NAG C . -4.04 -0.19 16.42
N2 NAG C . -5.20 1.72 17.38
O3 NAG C . -7.92 1.73 18.27
O4 NAG C . -9.02 4.04 19.35
O5 NAG C . -5.82 5.11 18.28
O6 NAG C . -5.12 6.52 20.31
O7 NAG C . -3.94 0.43 18.74
C1 NAG D . -22.20 10.84 -25.48
C2 NAG D . -22.08 12.39 -25.54
C3 NAG D . -23.29 13.04 -26.24
C4 NAG D . -23.64 12.32 -27.54
C5 NAG D . -23.92 10.87 -27.21
C6 NAG D . -24.37 10.04 -28.39
C7 NAG D . -21.22 14.02 -23.88
C8 NAG D . -20.45 14.65 -25.00
N2 NAG D . -21.95 12.94 -24.20
O3 NAG D . -23.05 14.43 -26.48
O4 NAG D . -24.78 12.89 -28.15
O5 NAG D . -22.69 10.30 -26.74
O6 NAG D . -24.38 8.67 -28.06
O7 NAG D . -21.16 14.44 -22.71
#